data_8GS1
#
_entry.id   8GS1
#
_cell.length_a   242.930
_cell.length_b   242.930
_cell.length_c   135.510
_cell.angle_alpha   90.000
_cell.angle_beta   90.000
_cell.angle_gamma   120.000
#
_symmetry.space_group_name_H-M   'P 61 2 2'
#
loop_
_entity.id
_entity.type
_entity.pdbx_description
1 polymer Azi28
2 polymer Azi29
3 non-polymer 'FORMIC ACID'
4 non-polymer LYSINE
5 water water
#
loop_
_entity_poly.entity_id
_entity_poly.type
_entity_poly.pdbx_seq_one_letter_code
_entity_poly.pdbx_strand_id
1 'polypeptide(L)'
;MTHVAETSAPTRSEPDTRVLTLPGTASAPEFRLIDIDGLLNNRATTDVRDLGSGRLNAWGNSFPAAELPAPGSLITVAGI
PFTWANAHARGDNIRCEGQVVDIPPGQYDWIYLLAASERRSEDTIWAHYDDGHADPLRVGISDFLDGTPAFGELSAFRTS
RMHYPHHVQEGLPTTMWLTRVGMPRHGVARSLRLPRSVAMHVFALTLRTAAAVRLAEGATT
;
A,C
2 'polypeptide(L)'
;MTTTAPPVELWTRDLGSCLHGTLATALIRDGHDPVTVLGAPWEFRRRPGAWSSEEYFFFAEPDSLAGRLALYHPFESTWH
RSDGDGVDDLREALAAGVLPIAAVDNFHLPFRPAFHDVHAAHLLVVYRITETEVYVSDAQPPAFQGAIPLADFLASWGSL
NPPDDADVFFSASPSGRRWLRTRMTGPVPEPDRHWVGRVIRENVARYRQEPPADTQTGLPGLRRYLDELCALTPGTNAAS
EALSELYVISWNIQAQSGLHAEFLRAHSVKWRIPELAEAAAGVDAVAHGWTGVRMTGAHSRVWQRHRPAELRGHATALVR
RLEAALDLLELAADAVSLEHHHHHH
;
B,D
#
# COMPACT_ATOMS: atom_id res chain seq x y z
N ARG A 18 -23.21 16.51 -16.19
CA ARG A 18 -22.92 16.74 -17.60
C ARG A 18 -22.04 15.63 -18.14
N VAL A 19 -22.08 15.43 -19.46
CA VAL A 19 -21.31 14.35 -20.06
C VAL A 19 -20.54 14.84 -21.27
N LEU A 20 -19.26 14.51 -21.35
CA LEU A 20 -18.48 14.88 -22.52
C LEU A 20 -17.59 13.73 -22.90
N THR A 21 -17.79 13.22 -24.09
CA THR A 21 -17.01 12.12 -24.57
C THR A 21 -16.35 12.53 -25.85
N LEU A 22 -15.07 12.25 -25.98
CA LEU A 22 -14.34 12.63 -27.15
C LEU A 22 -13.54 11.45 -27.64
N PRO A 23 -13.56 11.20 -28.96
CA PRO A 23 -12.81 10.07 -29.52
C PRO A 23 -11.32 10.32 -29.45
N GLY A 24 -10.57 9.26 -29.14
CA GLY A 24 -9.13 9.31 -29.07
C GLY A 24 -8.55 8.40 -30.13
N THR A 25 -7.23 8.45 -30.24
CA THR A 25 -6.48 7.50 -31.07
C THR A 25 -5.22 7.06 -30.34
N ALA A 26 -4.96 5.75 -30.32
CA ALA A 26 -3.76 5.24 -29.68
C ALA A 26 -2.77 4.73 -30.72
N SER A 27 -1.49 4.80 -30.37
CA SER A 27 -0.41 4.39 -31.26
C SER A 27 -0.30 2.88 -31.30
N ALA A 28 0.65 2.41 -32.07
CA ALA A 28 0.97 1.00 -32.08
C ALA A 28 2.06 0.78 -31.04
N PRO A 29 1.74 0.23 -29.89
CA PRO A 29 2.78 -0.08 -28.92
C PRO A 29 3.57 -1.31 -29.37
N GLU A 30 4.62 -1.59 -28.63
CA GLU A 30 5.47 -2.73 -28.92
C GLU A 30 5.49 -3.68 -27.72
N PHE A 31 5.47 -4.99 -27.99
CA PHE A 31 5.50 -6.00 -26.94
C PHE A 31 6.92 -6.56 -26.80
N ARG A 32 7.46 -6.53 -25.59
CA ARG A 32 8.78 -7.09 -25.31
C ARG A 32 8.59 -8.36 -24.47
N LEU A 33 8.90 -9.51 -25.05
CA LEU A 33 8.66 -10.79 -24.41
C LEU A 33 9.90 -11.16 -23.62
N ILE A 34 9.78 -11.26 -22.31
CA ILE A 34 10.94 -11.38 -21.42
C ILE A 34 11.35 -12.85 -21.31
N ASP A 35 12.61 -13.13 -21.64
CA ASP A 35 13.15 -14.49 -21.54
C ASP A 35 13.40 -14.82 -20.07
N ILE A 36 12.56 -15.68 -19.50
CA ILE A 36 12.68 -16.03 -18.09
C ILE A 36 13.23 -17.44 -17.91
N ASP A 37 13.81 -18.02 -18.96
CA ASP A 37 14.25 -19.41 -18.91
C ASP A 37 15.31 -19.65 -17.83
N GLY A 38 16.16 -18.65 -17.54
CA GLY A 38 17.16 -18.78 -16.49
C GLY A 38 16.64 -18.63 -15.07
N LEU A 39 15.42 -18.15 -14.87
CA LEU A 39 14.88 -18.01 -13.53
C LEU A 39 13.97 -19.16 -13.13
N LEU A 40 13.75 -20.13 -14.01
CA LEU A 40 12.84 -21.22 -13.71
C LEU A 40 13.41 -22.04 -12.56
N ASN A 41 12.60 -22.23 -11.51
CA ASN A 41 13.08 -22.83 -10.27
C ASN A 41 12.11 -23.84 -9.68
N ASN A 42 11.02 -24.17 -10.38
CA ASN A 42 9.94 -24.95 -9.81
C ASN A 42 9.28 -25.76 -10.92
N ARG A 43 8.72 -26.89 -10.56
CA ARG A 43 7.97 -27.68 -11.52
C ARG A 43 6.51 -27.69 -11.14
N ALA A 44 5.68 -27.08 -11.95
CA ALA A 44 4.26 -27.00 -11.67
C ALA A 44 3.46 -27.68 -12.76
N THR A 45 4.14 -28.14 -13.80
CA THR A 45 3.48 -28.87 -14.86
C THR A 45 4.15 -30.22 -15.02
N THR A 46 3.38 -31.28 -15.23
CA THR A 46 3.93 -32.61 -15.42
C THR A 46 3.24 -33.39 -16.51
N ASP A 47 3.88 -34.44 -17.00
CA ASP A 47 3.26 -35.30 -17.99
C ASP A 47 2.94 -36.59 -17.30
N VAL A 48 2.22 -37.48 -17.96
CA VAL A 48 1.78 -38.71 -17.31
C VAL A 48 2.92 -39.56 -16.79
N ARG A 49 4.14 -39.23 -17.20
CA ARG A 49 5.28 -39.98 -16.73
C ARG A 49 6.13 -39.21 -15.75
N ASP A 50 5.70 -38.01 -15.39
CA ASP A 50 6.43 -37.20 -14.43
C ASP A 50 5.50 -36.80 -13.31
N LEU A 51 4.42 -37.53 -13.13
CA LEU A 51 3.41 -37.14 -12.16
C LEU A 51 3.92 -36.90 -10.76
N GLY A 52 4.99 -37.55 -10.37
CA GLY A 52 5.54 -37.40 -9.04
C GLY A 52 6.49 -36.25 -8.87
N SER A 53 6.65 -35.46 -9.90
CA SER A 53 7.52 -34.30 -9.82
C SER A 53 6.74 -33.00 -9.65
N GLY A 54 5.42 -33.06 -9.53
CA GLY A 54 4.62 -31.85 -9.47
C GLY A 54 4.81 -31.13 -8.15
N ARG A 55 5.04 -29.81 -8.23
CA ARG A 55 5.24 -28.95 -7.06
C ARG A 55 4.49 -27.64 -7.24
N LEU A 56 3.33 -27.70 -7.90
CA LEU A 56 2.48 -26.53 -7.98
C LEU A 56 2.00 -26.11 -6.60
N ASN A 57 1.62 -27.08 -5.77
CA ASN A 57 1.20 -26.86 -4.38
C ASN A 57 1.99 -27.81 -3.48
N ALA A 58 1.77 -27.72 -2.17
CA ALA A 58 2.45 -28.61 -1.24
C ALA A 58 1.96 -30.06 -1.31
N TRP A 59 0.83 -30.32 -1.94
CA TRP A 59 0.30 -31.69 -2.04
C TRP A 59 0.83 -32.44 -3.26
N GLY A 60 1.68 -31.82 -4.07
CA GLY A 60 2.25 -32.49 -5.22
C GLY A 60 1.40 -32.44 -6.48
N ASN A 61 0.57 -31.43 -6.64
CA ASN A 61 -0.26 -31.33 -7.82
C ASN A 61 0.49 -30.62 -8.94
N SER A 62 0.01 -30.79 -10.17
CA SER A 62 0.60 -30.07 -11.27
C SER A 62 -0.41 -29.92 -12.40
N PHE A 63 -0.16 -28.91 -13.24
CA PHE A 63 -0.87 -28.70 -14.48
C PHE A 63 -0.67 -29.89 -15.42
N PRO A 64 -1.67 -30.24 -16.24
CA PRO A 64 -1.46 -31.26 -17.28
C PRO A 64 -0.72 -30.65 -18.46
N ALA A 65 0.43 -31.23 -18.80
CA ALA A 65 1.24 -30.71 -19.90
C ALA A 65 0.50 -30.80 -21.21
N ALA A 66 -0.29 -31.85 -21.39
CA ALA A 66 -0.96 -32.06 -22.67
C ALA A 66 -1.95 -30.94 -23.01
N GLU A 67 -2.49 -30.25 -22.00
CA GLU A 67 -3.46 -29.19 -22.20
C GLU A 67 -2.85 -27.80 -22.17
N LEU A 68 -1.54 -27.70 -22.08
CA LEU A 68 -0.81 -26.44 -22.06
C LEU A 68 0.01 -26.27 -23.35
N PRO A 69 0.56 -25.08 -23.59
CA PRO A 69 1.33 -24.87 -24.83
C PRO A 69 2.63 -25.67 -24.87
N ALA A 70 3.18 -25.79 -26.07
CA ALA A 70 4.46 -26.44 -26.32
C ALA A 70 5.59 -25.56 -25.81
N PRO A 71 6.56 -26.13 -25.11
CA PRO A 71 7.71 -25.32 -24.67
C PRO A 71 8.37 -24.59 -25.82
N GLY A 72 8.59 -23.28 -25.65
CA GLY A 72 9.19 -22.44 -26.66
C GLY A 72 8.24 -21.85 -27.70
N SER A 73 6.95 -22.18 -27.66
CA SER A 73 6.02 -21.69 -28.67
C SER A 73 5.61 -20.25 -28.37
N LEU A 74 5.16 -19.55 -29.41
CA LEU A 74 4.65 -18.21 -29.25
C LEU A 74 3.15 -18.30 -29.21
N ILE A 75 2.56 -17.75 -28.18
CA ILE A 75 1.13 -17.82 -28.03
C ILE A 75 0.52 -16.47 -27.79
N THR A 76 -0.80 -16.40 -27.91
CA THR A 76 -1.50 -15.15 -27.64
C THR A 76 -2.65 -15.38 -26.70
N VAL A 77 -2.67 -14.68 -25.57
CA VAL A 77 -3.79 -14.77 -24.65
C VAL A 77 -4.46 -13.42 -24.63
N ALA A 78 -5.69 -13.36 -25.08
CA ALA A 78 -6.42 -12.11 -25.11
C ALA A 78 -5.72 -11.07 -25.94
N GLY A 79 -4.99 -11.53 -26.94
CA GLY A 79 -4.29 -10.61 -27.83
C GLY A 79 -2.87 -10.36 -27.43
N ILE A 80 -2.52 -10.76 -26.23
CA ILE A 80 -1.21 -10.46 -25.73
C ILE A 80 -0.28 -11.60 -26.04
N PRO A 81 0.86 -11.26 -26.64
CA PRO A 81 1.81 -12.31 -27.03
C PRO A 81 2.70 -12.71 -25.85
N PHE A 82 3.05 -14.00 -25.81
CA PHE A 82 3.92 -14.57 -24.78
C PHE A 82 4.76 -15.68 -25.39
N THR A 83 5.95 -15.91 -24.82
CA THR A 83 6.75 -17.08 -25.18
C THR A 83 6.62 -18.12 -24.09
N TRP A 84 6.27 -19.34 -24.46
CA TRP A 84 6.17 -20.39 -23.47
C TRP A 84 7.57 -20.83 -23.05
N ALA A 85 7.75 -21.07 -21.75
CA ALA A 85 9.08 -21.28 -21.21
C ALA A 85 9.75 -22.50 -21.84
N ASN A 86 11.06 -22.39 -22.06
CA ASN A 86 11.86 -23.53 -22.48
C ASN A 86 12.32 -24.24 -21.22
N ALA A 87 11.46 -25.13 -20.72
CA ALA A 87 11.65 -25.76 -19.43
C ALA A 87 12.80 -26.77 -19.44
N HIS A 88 13.49 -26.85 -18.30
CA HIS A 88 14.38 -27.94 -17.94
C HIS A 88 13.73 -28.77 -16.84
N ALA A 89 14.30 -29.96 -16.58
CA ALA A 89 13.63 -30.94 -15.71
C ALA A 89 13.49 -30.46 -14.27
N ARG A 90 14.29 -29.47 -13.86
CA ARG A 90 14.18 -28.90 -12.52
C ARG A 90 13.39 -27.58 -12.47
N GLY A 91 12.81 -27.13 -13.60
CA GLY A 91 12.04 -25.90 -13.61
C GLY A 91 11.22 -25.64 -14.85
N ASP A 92 9.94 -25.32 -14.69
CA ASP A 92 9.07 -24.88 -15.79
C ASP A 92 8.33 -23.58 -15.49
N ASN A 93 8.59 -22.95 -14.34
CA ASN A 93 8.03 -21.64 -14.04
C ASN A 93 8.87 -21.02 -12.93
N ILE A 94 8.54 -19.79 -12.57
CA ILE A 94 9.19 -19.10 -11.47
C ILE A 94 8.26 -19.12 -10.26
N ARG A 95 8.58 -19.93 -9.25
CA ARG A 95 8.01 -19.73 -7.93
C ARG A 95 8.66 -18.49 -7.30
N CYS A 96 7.83 -17.54 -6.87
CA CYS A 96 8.31 -16.19 -6.62
C CYS A 96 9.10 -16.10 -5.31
N GLU A 97 10.36 -15.67 -5.43
CA GLU A 97 11.27 -15.51 -4.30
C GLU A 97 11.98 -14.18 -4.38
N GLY A 98 11.29 -13.14 -4.83
CA GLY A 98 11.91 -11.83 -4.95
C GLY A 98 12.98 -11.70 -6.02
N GLN A 99 12.90 -12.50 -7.09
CA GLN A 99 13.90 -12.42 -8.14
C GLN A 99 13.89 -11.05 -8.80
N VAL A 100 15.06 -10.55 -9.20
CA VAL A 100 15.13 -9.31 -9.96
C VAL A 100 15.26 -9.64 -11.44
N VAL A 101 14.37 -9.09 -12.26
CA VAL A 101 14.32 -9.39 -13.67
C VAL A 101 14.69 -8.13 -14.44
N ASP A 102 15.75 -8.23 -15.24
CA ASP A 102 16.13 -7.15 -16.11
C ASP A 102 15.19 -7.10 -17.31
N ILE A 103 14.82 -5.89 -17.72
CA ILE A 103 13.94 -5.64 -18.86
C ILE A 103 14.64 -4.65 -19.77
N PRO A 104 14.37 -4.65 -21.08
CA PRO A 104 14.99 -3.64 -21.96
C PRO A 104 14.60 -2.24 -21.52
N PRO A 105 15.57 -1.35 -21.29
CA PRO A 105 15.22 -0.01 -20.79
C PRO A 105 14.31 0.73 -21.75
N GLY A 106 13.34 1.46 -21.20
CA GLY A 106 12.36 2.13 -22.02
C GLY A 106 11.20 2.62 -21.18
N GLN A 107 10.24 3.25 -21.88
CA GLN A 107 9.04 3.81 -21.26
C GLN A 107 7.87 2.88 -21.51
N TYR A 108 7.22 2.44 -20.45
CA TYR A 108 6.26 1.36 -20.53
C TYR A 108 4.89 1.79 -20.03
N ASP A 109 3.89 1.01 -20.43
CA ASP A 109 2.51 1.18 -19.97
C ASP A 109 2.04 0.05 -19.08
N TRP A 110 2.21 -1.21 -19.49
CA TRP A 110 1.67 -2.34 -18.74
C TRP A 110 2.66 -3.49 -18.61
N ILE A 111 2.53 -4.23 -17.51
CA ILE A 111 3.17 -5.53 -17.31
C ILE A 111 2.07 -6.58 -17.45
N TYR A 112 2.35 -7.64 -18.21
CA TYR A 112 1.41 -8.76 -18.34
C TYR A 112 2.08 -10.04 -17.86
N LEU A 113 1.46 -10.71 -16.90
CA LEU A 113 1.96 -11.98 -16.38
C LEU A 113 0.94 -13.09 -16.62
N LEU A 114 1.43 -14.27 -17.02
CA LEU A 114 0.64 -15.49 -16.92
C LEU A 114 1.06 -16.17 -15.62
N ALA A 115 0.10 -16.38 -14.71
CA ALA A 115 0.42 -16.77 -13.34
C ALA A 115 -0.71 -17.54 -12.67
N ALA A 116 -0.37 -18.22 -11.57
CA ALA A 116 -1.35 -18.80 -10.66
C ALA A 116 -0.77 -18.79 -9.25
N SER A 117 -1.65 -18.95 -8.27
CA SER A 117 -1.27 -18.92 -6.86
C SER A 117 -1.90 -20.09 -6.09
N GLU A 118 -1.18 -20.56 -5.06
CA GLU A 118 -1.69 -21.59 -4.15
C GLU A 118 -2.66 -20.93 -3.17
N ARG A 119 -3.95 -20.92 -3.52
CA ARG A 119 -4.94 -19.96 -3.01
C ARG A 119 -4.64 -18.57 -3.54
N ARG A 120 -5.67 -17.72 -3.66
CA ARG A 120 -5.49 -16.31 -4.01
C ARG A 120 -4.47 -15.64 -3.10
N SER A 121 -3.70 -14.71 -3.65
CA SER A 121 -2.86 -13.82 -2.86
C SER A 121 -2.65 -12.53 -3.63
N GLU A 122 -2.14 -11.52 -2.92
CA GLU A 122 -1.75 -10.26 -3.56
C GLU A 122 -0.44 -9.80 -2.96
N ASP A 123 0.36 -9.13 -3.77
CA ASP A 123 1.70 -8.73 -3.35
C ASP A 123 2.17 -7.59 -4.23
N THR A 124 3.47 -7.33 -4.24
CA THR A 124 4.06 -6.16 -4.87
C THR A 124 5.08 -6.56 -5.93
N ILE A 125 5.01 -5.94 -7.11
CA ILE A 125 6.10 -5.94 -8.07
C ILE A 125 6.78 -4.58 -7.99
N TRP A 126 8.08 -4.56 -7.69
CA TRP A 126 8.84 -3.32 -7.71
C TRP A 126 9.34 -3.05 -9.12
N ALA A 127 9.25 -1.79 -9.55
CA ALA A 127 9.79 -1.36 -10.83
C ALA A 127 10.91 -0.36 -10.57
N HIS A 128 12.10 -0.62 -11.11
CA HIS A 128 13.27 0.22 -10.86
C HIS A 128 13.61 1.05 -12.09
N TYR A 129 13.74 2.37 -11.88
CA TYR A 129 13.98 3.34 -12.93
C TYR A 129 15.40 3.87 -12.86
N ASP A 130 15.92 4.33 -14.01
CA ASP A 130 17.35 4.62 -14.15
C ASP A 130 17.81 5.84 -13.33
N ASP A 131 16.92 6.62 -12.76
CA ASP A 131 17.31 7.71 -11.86
C ASP A 131 17.23 7.32 -10.38
N GLY A 132 17.01 6.04 -10.08
CA GLY A 132 16.97 5.56 -8.72
C GLY A 132 15.60 5.52 -8.08
N HIS A 133 14.60 6.10 -8.72
CA HIS A 133 13.24 5.96 -8.21
C HIS A 133 12.79 4.51 -8.40
N ALA A 134 12.09 3.98 -7.41
CA ALA A 134 11.44 2.70 -7.54
C ALA A 134 9.99 2.85 -7.13
N ASP A 135 9.12 2.07 -7.77
CA ASP A 135 7.68 2.12 -7.56
C ASP A 135 7.17 0.76 -7.12
N PRO A 136 6.43 0.68 -6.01
CA PRO A 136 5.77 -0.57 -5.61
C PRO A 136 4.45 -0.71 -6.35
N LEU A 137 4.29 -1.80 -7.11
CA LEU A 137 3.11 -1.99 -7.96
C LEU A 137 2.30 -3.19 -7.49
N ARG A 138 0.98 -2.98 -7.28
CA ARG A 138 0.10 -4.03 -6.77
C ARG A 138 -0.18 -5.09 -7.82
N VAL A 139 -0.08 -6.35 -7.43
CA VAL A 139 -0.42 -7.47 -8.28
C VAL A 139 -1.24 -8.46 -7.47
N GLY A 140 -2.30 -8.97 -8.08
CA GLY A 140 -3.08 -10.06 -7.51
C GLY A 140 -3.07 -11.25 -8.45
N ILE A 141 -2.97 -12.45 -7.88
CA ILE A 141 -3.01 -13.68 -8.64
C ILE A 141 -4.00 -14.61 -7.96
N SER A 142 -4.91 -15.19 -8.75
CA SER A 142 -5.94 -16.07 -8.22
C SER A 142 -5.45 -17.53 -8.20
N ASP A 143 -6.33 -18.41 -7.76
CA ASP A 143 -5.98 -19.78 -7.43
C ASP A 143 -5.85 -20.66 -8.67
N PHE A 144 -4.96 -21.66 -8.58
CA PHE A 144 -4.85 -22.66 -9.64
C PHE A 144 -5.92 -23.73 -9.55
N LEU A 145 -6.63 -23.83 -8.44
CA LEU A 145 -7.53 -24.94 -8.15
C LEU A 145 -8.94 -24.51 -8.51
N ASP A 146 -9.36 -24.80 -9.75
CA ASP A 146 -10.68 -24.40 -10.22
C ASP A 146 -11.02 -23.00 -9.72
N GLY A 147 -10.08 -22.07 -9.97
CA GLY A 147 -10.19 -20.74 -9.42
C GLY A 147 -11.23 -19.88 -10.09
N THR A 148 -11.56 -18.78 -9.40
CA THR A 148 -12.33 -17.70 -9.94
C THR A 148 -11.50 -16.44 -9.78
N PRO A 149 -11.51 -15.56 -10.75
CA PRO A 149 -10.64 -14.37 -10.69
C PRO A 149 -11.07 -13.32 -9.66
N ALA A 150 -10.37 -13.25 -8.53
CA ALA A 150 -10.71 -12.30 -7.49
C ALA A 150 -10.27 -10.87 -7.80
N PHE A 151 -9.34 -10.67 -8.74
CA PHE A 151 -8.78 -9.35 -9.00
C PHE A 151 -9.18 -8.80 -10.35
N GLY A 152 -10.09 -9.45 -11.05
CA GLY A 152 -10.40 -9.01 -12.39
C GLY A 152 -9.44 -9.51 -13.43
N GLU A 153 -8.68 -10.56 -13.13
CA GLU A 153 -7.84 -11.18 -14.14
C GLU A 153 -8.71 -11.73 -15.28
N LEU A 154 -8.06 -11.94 -16.42
CA LEU A 154 -8.65 -12.68 -17.51
C LEU A 154 -8.17 -14.12 -17.45
N SER A 155 -8.97 -15.05 -17.96
CA SER A 155 -8.58 -16.45 -17.93
C SER A 155 -7.59 -16.73 -19.06
N ALA A 156 -6.42 -17.30 -18.70
CA ALA A 156 -5.42 -17.69 -19.68
C ALA A 156 -5.56 -19.16 -20.08
N PHE A 157 -5.70 -20.06 -19.10
CA PHE A 157 -5.96 -21.48 -19.37
C PHE A 157 -6.87 -22.03 -18.28
N ARG A 158 -7.71 -22.99 -18.69
CA ARG A 158 -8.55 -23.76 -17.78
C ARG A 158 -8.51 -25.21 -18.29
N THR A 159 -7.77 -26.07 -17.60
CA THR A 159 -7.65 -27.44 -18.07
C THR A 159 -8.90 -28.25 -17.73
N SER A 160 -8.98 -29.45 -18.29
CA SER A 160 -9.99 -30.43 -17.90
C SER A 160 -9.58 -31.25 -16.70
N ARG A 161 -8.30 -31.59 -16.62
CA ARG A 161 -7.78 -32.47 -15.60
C ARG A 161 -6.78 -31.73 -14.71
N MET A 162 -6.45 -32.39 -13.60
CA MET A 162 -5.37 -32.00 -12.71
C MET A 162 -4.50 -33.21 -12.47
N HIS A 163 -3.21 -32.98 -12.31
CA HIS A 163 -2.32 -34.09 -12.04
C HIS A 163 -2.07 -34.18 -10.55
N TYR A 164 -2.08 -35.41 -10.04
CA TYR A 164 -1.79 -35.76 -8.66
C TYR A 164 -0.53 -36.61 -8.62
N PRO A 165 0.09 -36.83 -7.45
CA PRO A 165 1.35 -37.60 -7.42
C PRO A 165 1.25 -38.98 -8.03
N HIS A 166 0.09 -39.66 -7.96
CA HIS A 166 -0.06 -41.02 -8.44
C HIS A 166 -1.16 -41.23 -9.48
N HIS A 167 -1.89 -40.19 -9.89
CA HIS A 167 -2.90 -40.40 -10.92
C HIS A 167 -3.19 -39.10 -11.67
N VAL A 168 -3.94 -39.25 -12.77
CA VAL A 168 -4.52 -38.12 -13.49
C VAL A 168 -5.98 -38.02 -13.10
N GLN A 169 -6.40 -36.87 -12.59
CA GLN A 169 -7.73 -36.66 -12.05
C GLN A 169 -8.65 -36.06 -13.10
N GLU A 170 -9.73 -36.76 -13.44
CA GLU A 170 -10.71 -36.24 -14.39
C GLU A 170 -11.62 -35.21 -13.73
N GLY A 171 -12.15 -34.31 -14.55
CA GLY A 171 -13.15 -33.37 -14.08
C GLY A 171 -12.70 -32.43 -12.97
N LEU A 172 -11.44 -32.01 -13.01
CA LEU A 172 -10.91 -31.07 -12.00
C LEU A 172 -10.04 -30.04 -12.72
N PRO A 173 -10.60 -28.87 -13.04
CA PRO A 173 -9.83 -27.86 -13.79
C PRO A 173 -8.70 -27.22 -12.99
N THR A 174 -7.53 -27.14 -13.63
CA THR A 174 -6.42 -26.28 -13.19
C THR A 174 -6.49 -24.96 -13.96
N THR A 175 -6.41 -23.84 -13.23
CA THR A 175 -6.65 -22.52 -13.80
C THR A 175 -5.40 -21.66 -13.70
N MET A 176 -5.07 -21.00 -14.83
CA MET A 176 -4.01 -19.99 -14.96
C MET A 176 -4.61 -18.67 -15.43
N TRP A 177 -4.00 -17.57 -15.00
CA TRP A 177 -4.57 -16.24 -15.18
C TRP A 177 -3.63 -15.32 -15.94
N LEU A 178 -4.23 -14.43 -16.72
CA LEU A 178 -3.54 -13.28 -17.27
C LEU A 178 -3.82 -12.10 -16.35
N THR A 179 -2.76 -11.55 -15.77
CA THR A 179 -2.90 -10.44 -14.86
C THR A 179 -2.05 -9.27 -15.35
N ARG A 180 -2.57 -8.07 -15.11
CA ARG A 180 -2.17 -6.82 -15.72
C ARG A 180 -1.71 -5.87 -14.62
N VAL A 181 -0.50 -5.31 -14.74
CA VAL A 181 0.03 -4.38 -13.74
C VAL A 181 0.51 -3.12 -14.43
N GLY A 182 -0.05 -1.97 -14.05
CA GLY A 182 0.32 -0.72 -14.68
C GLY A 182 1.60 -0.12 -14.13
N MET A 183 2.29 0.63 -15.00
CA MET A 183 3.49 1.39 -14.65
C MET A 183 3.29 2.88 -14.91
N PRO A 184 2.79 3.62 -13.91
CA PRO A 184 2.34 5.00 -14.16
C PRO A 184 3.46 5.97 -14.50
N ARG A 185 4.67 5.72 -14.03
CA ARG A 185 5.74 6.73 -14.06
C ARG A 185 6.18 7.01 -15.49
N HIS A 186 6.29 8.29 -15.84
CA HIS A 186 6.86 8.66 -17.13
C HIS A 186 8.38 8.74 -16.91
N GLY A 187 9.06 7.65 -17.21
CA GLY A 187 10.47 7.52 -16.92
C GLY A 187 10.93 6.18 -17.46
N VAL A 188 12.24 6.00 -17.54
CA VAL A 188 12.81 4.80 -18.13
C VAL A 188 12.95 3.72 -17.08
N ALA A 189 12.27 2.60 -17.28
CA ALA A 189 12.36 1.45 -16.39
C ALA A 189 13.51 0.54 -16.83
N ARG A 190 14.15 -0.10 -15.84
CA ARG A 190 15.35 -0.91 -16.10
C ARG A 190 15.23 -2.33 -15.56
N SER A 191 14.45 -2.54 -14.51
CA SER A 191 14.28 -3.89 -13.99
C SER A 191 13.01 -3.95 -13.16
N LEU A 192 12.59 -5.18 -12.84
CA LEU A 192 11.46 -5.45 -11.97
C LEU A 192 11.87 -6.49 -10.93
N ARG A 193 11.24 -6.41 -9.75
CA ARG A 193 11.35 -7.42 -8.71
C ARG A 193 10.02 -8.13 -8.57
N LEU A 194 10.06 -9.46 -8.63
CA LEU A 194 8.88 -10.28 -8.38
C LEU A 194 8.56 -10.33 -6.88
N PRO A 195 7.34 -10.71 -6.51
CA PRO A 195 6.98 -10.81 -5.08
C PRO A 195 7.78 -11.89 -4.36
N ARG A 196 7.89 -11.73 -3.03
CA ARG A 196 8.53 -12.75 -2.19
C ARG A 196 7.45 -13.61 -1.53
N SER A 197 6.89 -14.55 -2.31
CA SER A 197 5.81 -15.39 -1.80
C SER A 197 5.81 -16.74 -2.51
N VAL A 198 6.18 -17.80 -1.79
CA VAL A 198 6.19 -19.16 -2.32
C VAL A 198 4.84 -19.57 -2.91
N ALA A 199 3.77 -18.84 -2.61
CA ALA A 199 2.47 -19.24 -3.15
C ALA A 199 2.31 -18.87 -4.63
N MET A 200 3.14 -17.94 -5.13
CA MET A 200 2.92 -17.31 -6.42
C MET A 200 3.80 -17.91 -7.51
N HIS A 201 3.18 -18.29 -8.64
CA HIS A 201 3.84 -18.94 -9.76
C HIS A 201 3.72 -18.09 -11.01
N VAL A 202 4.85 -17.76 -11.64
CA VAL A 202 4.86 -16.99 -12.88
C VAL A 202 5.31 -17.88 -14.02
N PHE A 203 4.50 -17.94 -15.10
CA PHE A 203 4.79 -18.78 -16.25
C PHE A 203 5.25 -18.02 -17.49
N ALA A 204 4.84 -16.76 -17.66
CA ALA A 204 5.38 -15.93 -18.73
C ALA A 204 5.25 -14.47 -18.31
N LEU A 205 6.01 -13.62 -18.99
CA LEU A 205 6.07 -12.21 -18.63
C LEU A 205 6.31 -11.40 -19.89
N THR A 206 5.36 -10.53 -20.25
CA THR A 206 5.46 -9.64 -21.40
C THR A 206 5.24 -8.21 -20.96
N LEU A 207 6.05 -7.29 -21.46
CA LEU A 207 5.88 -5.89 -21.17
C LEU A 207 5.40 -5.12 -22.39
N ARG A 208 4.56 -4.11 -22.20
CA ARG A 208 4.02 -3.32 -23.29
C ARG A 208 4.50 -1.90 -23.23
N THR A 209 4.95 -1.38 -24.36
CA THR A 209 5.53 -0.06 -24.39
C THR A 209 4.50 1.04 -24.33
N ALA A 210 4.94 2.23 -23.98
CA ALA A 210 4.04 3.36 -23.94
C ALA A 210 3.83 3.87 -25.32
N ALA A 211 2.61 4.30 -25.59
CA ALA A 211 2.31 4.79 -26.91
C ALA A 211 1.54 6.05 -26.78
N ALA A 212 1.66 6.89 -27.77
CA ALA A 212 1.03 8.19 -27.71
C ALA A 212 -0.42 8.23 -28.06
N VAL A 213 -1.19 8.96 -27.27
CA VAL A 213 -2.61 9.14 -27.56
C VAL A 213 -2.93 10.62 -27.72
N ARG A 214 -3.79 10.93 -28.68
CA ARG A 214 -4.26 12.29 -28.91
C ARG A 214 -5.75 12.24 -29.26
N LEU A 215 -6.39 13.42 -29.21
CA LEU A 215 -7.73 13.56 -29.76
C LEU A 215 -7.74 13.15 -31.22
N ALA A 216 -8.82 12.54 -31.66
CA ALA A 216 -8.93 12.07 -33.04
C ALA A 216 -9.50 13.20 -33.93
N GLU A 217 -9.87 12.84 -35.16
CA GLU A 217 -10.25 13.81 -36.20
C GLU A 217 -11.37 14.75 -35.73
N GLY A 218 -12.56 14.20 -35.47
CA GLY A 218 -13.67 15.04 -35.04
C GLY A 218 -13.45 15.64 -33.66
N ALA A 219 -14.02 16.84 -33.46
CA ALA A 219 -14.01 17.57 -32.18
C ALA A 219 -12.60 17.95 -31.69
N VAL B 8 -31.37 -29.95 -2.39
CA VAL B 8 -30.03 -29.95 -1.80
C VAL B 8 -29.01 -29.32 -2.75
N GLU B 9 -28.51 -28.13 -2.42
CA GLU B 9 -27.71 -27.33 -3.36
C GLU B 9 -26.23 -27.30 -2.95
N LEU B 10 -25.35 -27.56 -3.92
CA LEU B 10 -23.91 -27.52 -3.64
C LEU B 10 -23.44 -26.07 -3.47
N TRP B 11 -22.64 -25.82 -2.44
CA TRP B 11 -22.19 -24.47 -2.14
C TRP B 11 -20.83 -24.54 -1.48
N THR B 12 -19.88 -23.76 -2.01
CA THR B 12 -18.55 -23.63 -1.42
C THR B 12 -17.85 -22.42 -2.04
N ARG B 13 -16.62 -22.19 -1.61
CA ARG B 13 -15.84 -21.03 -2.04
C ARG B 13 -14.39 -21.44 -2.10
N ASP B 14 -13.61 -20.76 -2.94
CA ASP B 14 -12.26 -21.24 -3.17
C ASP B 14 -11.36 -21.13 -1.94
N LEU B 15 -11.66 -20.23 -1.01
CA LEU B 15 -10.89 -20.17 0.22
C LEU B 15 -11.46 -21.08 1.30
N GLY B 16 -12.60 -21.75 1.04
CA GLY B 16 -13.33 -22.47 2.06
C GLY B 16 -13.09 -23.96 2.02
N SER B 17 -13.56 -24.61 3.08
CA SER B 17 -13.48 -26.06 3.23
C SER B 17 -14.89 -26.63 3.34
N CYS B 18 -14.96 -27.93 3.59
CA CYS B 18 -16.25 -28.59 3.77
C CYS B 18 -17.02 -28.05 4.97
N LEU B 19 -16.36 -27.33 5.88
CA LEU B 19 -17.07 -26.83 7.07
C LEU B 19 -18.12 -25.80 6.68
N HIS B 20 -17.72 -24.71 6.03
CA HIS B 20 -18.71 -23.74 5.56
C HIS B 20 -19.62 -24.36 4.50
N GLY B 21 -19.07 -25.25 3.66
CA GLY B 21 -19.84 -25.78 2.55
C GLY B 21 -21.03 -26.62 2.98
N THR B 22 -20.81 -27.55 3.92
CA THR B 22 -21.92 -28.37 4.37
C THR B 22 -22.95 -27.54 5.12
N LEU B 23 -22.49 -26.64 5.99
CA LEU B 23 -23.41 -25.77 6.70
C LEU B 23 -24.23 -24.91 5.72
N ALA B 24 -23.60 -24.47 4.63
CA ALA B 24 -24.34 -23.65 3.67
C ALA B 24 -25.47 -24.45 3.04
N THR B 25 -25.22 -25.71 2.69
CA THR B 25 -26.26 -26.55 2.12
C THR B 25 -27.44 -26.68 3.08
N ALA B 26 -27.14 -26.91 4.36
CA ALA B 26 -28.19 -26.98 5.37
C ALA B 26 -28.93 -25.66 5.49
N LEU B 27 -28.18 -24.55 5.45
CA LEU B 27 -28.79 -23.23 5.55
C LEU B 27 -29.67 -22.92 4.34
N ILE B 28 -29.21 -23.25 3.14
CA ILE B 28 -29.98 -22.98 1.92
C ILE B 28 -31.32 -23.74 1.94
N ARG B 29 -31.32 -24.96 2.47
CA ARG B 29 -32.54 -25.75 2.47
C ARG B 29 -33.61 -25.18 3.39
N ASP B 30 -33.23 -24.46 4.45
CA ASP B 30 -34.24 -23.84 5.31
C ASP B 30 -34.55 -22.41 4.93
N GLY B 31 -34.10 -21.96 3.76
CA GLY B 31 -34.42 -20.64 3.28
C GLY B 31 -33.50 -19.52 3.73
N HIS B 32 -32.26 -19.82 4.14
CA HIS B 32 -31.35 -18.81 4.66
C HIS B 32 -30.19 -18.56 3.71
N ASP B 33 -29.72 -17.31 3.67
CA ASP B 33 -28.65 -16.89 2.79
C ASP B 33 -27.32 -17.17 3.50
N PRO B 34 -26.51 -18.12 3.01
CA PRO B 34 -25.26 -18.44 3.71
C PRO B 34 -24.28 -17.29 3.80
N VAL B 35 -24.28 -16.38 2.83
CA VAL B 35 -23.37 -15.25 2.93
C VAL B 35 -23.79 -14.33 4.08
N THR B 36 -25.09 -14.19 4.32
CA THR B 36 -25.52 -13.38 5.45
C THR B 36 -25.24 -14.08 6.79
N VAL B 37 -25.61 -15.36 6.91
CA VAL B 37 -25.50 -16.08 8.17
C VAL B 37 -24.03 -16.37 8.49
N LEU B 38 -23.28 -16.87 7.51
CA LEU B 38 -21.92 -17.29 7.74
C LEU B 38 -20.90 -16.22 7.41
N GLY B 39 -21.30 -15.16 6.73
CA GLY B 39 -20.31 -14.16 6.37
C GLY B 39 -20.32 -12.97 7.30
N ALA B 40 -21.36 -12.87 8.14
CA ALA B 40 -21.44 -11.76 9.08
C ALA B 40 -20.32 -11.81 10.13
N PRO B 41 -20.09 -12.91 10.84
CA PRO B 41 -19.04 -12.89 11.87
C PRO B 41 -17.63 -12.94 11.28
N TRP B 42 -16.69 -12.27 11.96
CA TRP B 42 -15.29 -12.26 11.55
C TRP B 42 -14.38 -12.13 12.77
N GLU B 43 -13.56 -13.16 13.04
CA GLU B 43 -12.74 -13.13 14.24
C GLU B 43 -11.47 -13.95 14.04
N PHE B 44 -10.56 -13.82 15.03
CA PHE B 44 -9.41 -14.71 15.18
C PHE B 44 -9.34 -15.17 16.63
N ARG B 45 -9.25 -16.50 16.83
CA ARG B 45 -9.04 -17.09 18.14
C ARG B 45 -8.17 -18.33 18.02
N ARG B 46 -7.36 -18.59 19.05
CA ARG B 46 -6.61 -19.84 19.16
C ARG B 46 -6.52 -20.27 20.61
N ARG B 47 -6.96 -21.50 20.89
CA ARG B 47 -6.80 -22.13 22.19
C ARG B 47 -5.69 -23.17 22.11
N PRO B 48 -4.60 -23.00 22.86
CA PRO B 48 -3.56 -24.05 22.89
C PRO B 48 -4.14 -25.39 23.33
N GLY B 49 -3.82 -26.44 22.58
CA GLY B 49 -4.30 -27.78 22.84
C GLY B 49 -5.65 -28.15 22.26
N ALA B 50 -6.38 -27.16 21.70
CA ALA B 50 -7.74 -27.40 21.24
C ALA B 50 -7.80 -28.13 19.90
N TRP B 51 -6.87 -27.81 18.98
CA TRP B 51 -7.05 -28.23 17.58
C TRP B 51 -7.01 -29.74 17.43
N SER B 52 -7.69 -30.22 16.38
CA SER B 52 -7.63 -31.60 15.93
C SER B 52 -7.29 -31.62 14.45
N SER B 53 -6.72 -32.74 14.01
CA SER B 53 -6.29 -32.92 12.64
C SER B 53 -7.49 -33.28 11.75
N GLU B 54 -8.32 -32.26 11.52
CA GLU B 54 -9.53 -32.40 10.73
C GLU B 54 -9.67 -31.20 9.81
N GLU B 55 -10.21 -31.43 8.61
CA GLU B 55 -10.43 -30.33 7.67
C GLU B 55 -11.40 -29.30 8.20
N TYR B 56 -12.23 -29.68 9.17
CA TYR B 56 -13.32 -28.85 9.66
C TYR B 56 -13.10 -28.33 11.07
N PHE B 57 -11.87 -28.36 11.58
CA PHE B 57 -11.69 -27.87 12.94
C PHE B 57 -11.90 -26.36 13.00
N PHE B 58 -12.60 -25.92 14.04
CA PHE B 58 -12.80 -24.50 14.32
C PHE B 58 -12.99 -24.37 15.83
N PHE B 59 -12.34 -23.37 16.44
CA PHE B 59 -12.50 -23.21 17.89
C PHE B 59 -13.83 -22.50 18.19
N ALA B 60 -14.72 -23.19 18.93
CA ALA B 60 -16.09 -22.71 19.08
C ALA B 60 -16.51 -22.40 20.52
N GLU B 61 -15.80 -22.90 21.53
CA GLU B 61 -16.22 -22.71 22.91
C GLU B 61 -16.36 -21.21 23.23
N PRO B 62 -17.39 -20.81 23.97
CA PRO B 62 -18.37 -21.66 24.67
C PRO B 62 -19.57 -22.06 23.80
N ASP B 63 -19.56 -21.72 22.52
CA ASP B 63 -20.70 -21.99 21.66
C ASP B 63 -20.51 -23.30 20.91
N SER B 64 -21.59 -23.75 20.27
CA SER B 64 -21.50 -24.91 19.41
C SER B 64 -20.75 -24.56 18.14
N LEU B 65 -20.38 -25.60 17.39
CA LEU B 65 -19.62 -25.37 16.16
C LEU B 65 -20.35 -24.41 15.23
N ALA B 66 -21.63 -24.69 14.93
CA ALA B 66 -22.41 -23.82 14.06
C ALA B 66 -22.77 -22.50 14.74
N GLY B 67 -23.05 -22.55 16.05
CA GLY B 67 -23.32 -21.33 16.77
C GLY B 67 -22.20 -20.31 16.64
N ARG B 68 -20.94 -20.78 16.76
CA ARG B 68 -19.81 -19.86 16.63
C ARG B 68 -19.65 -19.38 15.19
N LEU B 69 -19.80 -20.29 14.22
CA LEU B 69 -19.65 -19.90 12.83
C LEU B 69 -20.79 -19.01 12.38
N ALA B 70 -21.88 -18.98 13.14
CA ALA B 70 -23.01 -18.11 12.81
C ALA B 70 -23.31 -17.21 14.00
N LEU B 71 -22.28 -16.51 14.50
CA LEU B 71 -22.31 -15.75 15.76
C LEU B 71 -23.58 -14.94 15.99
N TYR B 72 -24.16 -14.38 14.93
CA TYR B 72 -25.24 -13.41 15.04
C TYR B 72 -26.61 -13.98 14.69
N HIS B 73 -26.73 -15.31 14.52
CA HIS B 73 -28.00 -15.92 14.15
C HIS B 73 -28.35 -17.05 15.11
N PRO B 74 -29.66 -17.34 15.30
CA PRO B 74 -30.05 -18.46 16.18
C PRO B 74 -29.76 -19.81 15.58
N PHE B 75 -28.57 -19.99 15.01
CA PHE B 75 -28.19 -21.24 14.38
C PHE B 75 -27.28 -21.99 15.30
N GLU B 76 -27.57 -23.25 15.52
CA GLU B 76 -26.81 -24.02 16.48
C GLU B 76 -26.68 -25.45 16.01
N SER B 77 -25.78 -26.20 16.62
CA SER B 77 -25.53 -27.55 16.15
C SER B 77 -25.27 -28.52 17.26
N THR B 78 -25.43 -29.80 16.95
CA THR B 78 -25.14 -30.84 17.93
C THR B 78 -24.43 -32.00 17.27
N TRP B 79 -23.45 -32.55 17.96
CA TRP B 79 -22.73 -33.71 17.44
C TRP B 79 -23.34 -35.00 17.96
N HIS B 80 -23.35 -36.02 17.14
CA HIS B 80 -23.91 -37.30 17.53
C HIS B 80 -23.05 -38.45 17.08
N ARG B 81 -23.11 -39.57 17.78
CA ARG B 81 -22.39 -40.76 17.37
C ARG B 81 -23.34 -41.93 17.22
N SER B 82 -23.42 -42.49 16.03
CA SER B 82 -24.32 -43.61 15.75
C SER B 82 -23.65 -44.92 16.17
N ASP B 83 -24.35 -45.71 16.98
CA ASP B 83 -23.77 -46.81 17.71
C ASP B 83 -23.92 -48.17 17.00
N GLY B 84 -24.45 -48.20 15.79
CA GLY B 84 -24.79 -49.45 15.13
C GLY B 84 -23.67 -50.03 14.27
N ASP B 85 -24.08 -50.84 13.28
CA ASP B 85 -23.26 -51.20 12.13
C ASP B 85 -23.84 -50.68 10.82
N GLY B 86 -25.07 -50.14 10.86
CA GLY B 86 -25.76 -49.68 9.67
C GLY B 86 -26.06 -48.19 9.67
N VAL B 87 -27.04 -47.77 8.86
CA VAL B 87 -27.31 -46.35 8.70
C VAL B 87 -28.69 -46.04 9.25
N ASP B 88 -29.12 -46.78 10.28
CA ASP B 88 -30.46 -46.59 10.82
C ASP B 88 -30.64 -45.21 11.44
N ASP B 89 -29.66 -44.74 12.22
CA ASP B 89 -29.80 -43.44 12.87
C ASP B 89 -29.94 -42.33 11.85
N LEU B 90 -29.34 -42.51 10.67
CA LEU B 90 -29.43 -41.52 9.61
C LEU B 90 -30.78 -41.57 8.88
N ARG B 91 -31.38 -42.75 8.72
CA ARG B 91 -32.73 -42.79 8.16
C ARG B 91 -33.73 -42.08 9.06
N GLU B 92 -33.61 -42.28 10.38
CA GLU B 92 -34.53 -41.58 11.29
C GLU B 92 -34.36 -40.07 11.19
N ALA B 93 -33.11 -39.61 11.15
CA ALA B 93 -32.87 -38.17 11.09
C ALA B 93 -33.48 -37.57 9.83
N LEU B 94 -33.33 -38.26 8.68
CA LEU B 94 -33.93 -37.78 7.45
C LEU B 94 -35.45 -37.79 7.56
N ALA B 95 -36.01 -38.86 8.14
CA ALA B 95 -37.45 -38.94 8.32
C ALA B 95 -37.97 -37.76 9.14
N ALA B 96 -37.20 -37.34 10.16
CA ALA B 96 -37.52 -36.16 10.95
C ALA B 96 -37.34 -34.85 10.19
N GLY B 97 -36.85 -34.90 8.94
CA GLY B 97 -36.56 -33.71 8.17
C GLY B 97 -35.21 -33.09 8.41
N VAL B 98 -34.33 -33.75 9.16
CA VAL B 98 -32.99 -33.25 9.41
C VAL B 98 -32.10 -33.62 8.22
N LEU B 99 -31.14 -32.74 7.92
CA LEU B 99 -30.15 -33.04 6.90
C LEU B 99 -28.86 -33.45 7.60
N PRO B 100 -28.50 -34.73 7.65
CA PRO B 100 -27.31 -35.13 8.41
C PRO B 100 -26.01 -34.74 7.71
N ILE B 101 -25.07 -34.23 8.51
CA ILE B 101 -23.72 -33.92 8.04
C ILE B 101 -22.80 -34.99 8.60
N ALA B 102 -22.18 -35.78 7.72
CA ALA B 102 -21.46 -36.98 8.11
C ALA B 102 -19.96 -36.74 8.14
N ALA B 103 -19.30 -37.26 9.18
CA ALA B 103 -17.84 -37.20 9.29
C ALA B 103 -17.24 -38.41 8.57
N VAL B 104 -16.44 -38.17 7.52
CA VAL B 104 -15.99 -39.23 6.63
C VAL B 104 -14.50 -39.09 6.35
N ASP B 105 -13.91 -40.18 5.86
CA ASP B 105 -12.52 -40.27 5.44
C ASP B 105 -12.48 -40.28 3.92
N ASN B 106 -11.78 -39.29 3.33
CA ASN B 106 -11.70 -39.21 1.88
C ASN B 106 -11.12 -40.47 1.26
N PHE B 107 -10.31 -41.21 2.02
CA PHE B 107 -9.67 -42.43 1.54
C PHE B 107 -10.67 -43.44 1.00
N HIS B 108 -11.91 -43.41 1.50
CA HIS B 108 -12.90 -44.44 1.17
C HIS B 108 -14.08 -43.91 0.35
N LEU B 109 -14.03 -42.66 -0.11
CA LEU B 109 -15.08 -42.15 -0.98
C LEU B 109 -14.67 -42.30 -2.44
N PRO B 110 -15.38 -43.11 -3.23
CA PRO B 110 -14.92 -43.39 -4.61
C PRO B 110 -14.77 -42.17 -5.51
N PHE B 111 -15.53 -41.11 -5.25
CA PHE B 111 -15.60 -39.93 -6.11
C PHE B 111 -14.60 -38.85 -5.75
N ARG B 112 -13.82 -39.01 -4.61
CA ARG B 112 -12.79 -38.08 -4.19
C ARG B 112 -11.45 -38.42 -4.86
N PRO B 113 -10.64 -37.41 -5.19
CA PRO B 113 -9.29 -37.69 -5.70
C PRO B 113 -8.42 -38.46 -4.73
N ALA B 114 -8.71 -38.40 -3.43
CA ALA B 114 -7.87 -39.07 -2.44
C ALA B 114 -8.19 -40.55 -2.30
N PHE B 115 -9.20 -41.05 -3.02
CA PHE B 115 -9.67 -42.42 -2.88
C PHE B 115 -8.53 -43.44 -2.99
N HIS B 116 -8.32 -44.17 -1.89
CA HIS B 116 -7.29 -45.20 -1.79
C HIS B 116 -5.89 -44.66 -2.05
N ASP B 117 -5.70 -43.37 -1.78
CA ASP B 117 -4.38 -42.74 -1.80
C ASP B 117 -4.03 -42.07 -0.48
N VAL B 118 -4.93 -41.26 0.09
CA VAL B 118 -4.60 -40.38 1.19
C VAL B 118 -5.76 -40.33 2.19
N HIS B 119 -5.42 -40.41 3.47
CA HIS B 119 -6.39 -40.30 4.55
C HIS B 119 -6.59 -38.83 4.92
N ALA B 120 -7.85 -38.39 4.94
CA ALA B 120 -8.18 -37.01 5.35
C ALA B 120 -9.58 -36.95 5.94
N ALA B 121 -9.71 -36.25 7.08
CA ALA B 121 -10.98 -36.11 7.77
C ALA B 121 -11.82 -34.99 7.16
N HIS B 122 -13.11 -35.26 6.94
CA HIS B 122 -13.89 -34.53 5.94
C HIS B 122 -15.36 -34.54 6.34
N LEU B 123 -16.14 -33.61 5.77
CA LEU B 123 -17.58 -33.51 5.97
C LEU B 123 -18.34 -33.56 4.64
N LEU B 124 -19.51 -34.19 4.65
CA LEU B 124 -20.43 -34.12 3.51
C LEU B 124 -21.87 -34.26 4.00
N VAL B 125 -22.81 -33.89 3.10
CA VAL B 125 -24.24 -33.93 3.38
C VAL B 125 -24.81 -35.26 2.89
N VAL B 126 -25.54 -35.94 3.77
CA VAL B 126 -26.34 -37.11 3.39
C VAL B 126 -27.77 -36.62 3.13
N TYR B 127 -28.35 -37.01 1.99
CA TYR B 127 -29.68 -36.53 1.66
C TYR B 127 -30.70 -37.58 1.26
N ARG B 128 -30.32 -38.84 1.10
CA ARG B 128 -31.27 -39.91 0.83
C ARG B 128 -30.62 -41.26 1.07
N ILE B 129 -31.33 -42.16 1.74
CA ILE B 129 -30.82 -43.48 2.06
C ILE B 129 -31.83 -44.53 1.59
N THR B 130 -31.44 -45.36 0.62
CA THR B 130 -32.16 -46.57 0.25
C THR B 130 -31.58 -47.75 1.03
N GLU B 131 -31.88 -48.97 0.62
CA GLU B 131 -31.29 -50.14 1.26
C GLU B 131 -29.96 -50.57 0.65
N THR B 132 -29.61 -50.04 -0.53
CA THR B 132 -28.35 -50.37 -1.21
C THR B 132 -27.41 -49.19 -1.41
N GLU B 133 -27.92 -47.96 -1.41
CA GLU B 133 -27.11 -46.79 -1.74
C GLU B 133 -27.40 -45.64 -0.79
N VAL B 134 -26.35 -44.89 -0.47
CA VAL B 134 -26.42 -43.64 0.28
C VAL B 134 -26.23 -42.50 -0.70
N TYR B 135 -27.11 -41.50 -0.64
CA TYR B 135 -27.02 -40.34 -1.50
C TYR B 135 -26.28 -39.22 -0.75
N VAL B 136 -25.17 -38.75 -1.29
CA VAL B 136 -24.32 -37.76 -0.63
C VAL B 136 -24.13 -36.55 -1.53
N SER B 137 -23.84 -35.43 -0.89
CA SER B 137 -23.58 -34.18 -1.59
C SER B 137 -22.30 -33.57 -1.02
N ASP B 138 -21.34 -33.25 -1.90
CA ASP B 138 -20.02 -32.79 -1.48
C ASP B 138 -19.49 -31.79 -2.51
N ALA B 139 -19.51 -30.51 -2.14
CA ALA B 139 -19.18 -29.42 -3.04
C ALA B 139 -17.67 -29.16 -3.16
N GLN B 140 -16.83 -29.75 -2.31
CA GLN B 140 -15.40 -29.50 -2.43
C GLN B 140 -14.92 -29.99 -3.78
N PRO B 141 -14.11 -29.21 -4.49
CA PRO B 141 -13.65 -29.61 -5.83
C PRO B 141 -12.91 -30.94 -5.79
N PRO B 142 -13.32 -31.92 -6.63
CA PRO B 142 -14.38 -31.88 -7.66
C PRO B 142 -15.76 -32.16 -7.10
N ALA B 143 -16.70 -31.24 -7.23
CA ALA B 143 -18.00 -31.44 -6.59
C ALA B 143 -18.67 -32.70 -7.12
N PHE B 144 -19.32 -33.43 -6.22
CA PHE B 144 -20.07 -34.63 -6.55
C PHE B 144 -21.41 -34.59 -5.84
N GLN B 145 -22.43 -35.15 -6.47
CA GLN B 145 -23.71 -35.31 -5.78
C GLN B 145 -24.45 -36.50 -6.37
N GLY B 146 -24.74 -37.51 -5.57
CA GLY B 146 -25.47 -38.65 -6.09
C GLY B 146 -25.35 -39.85 -5.19
N ALA B 147 -25.69 -41.01 -5.76
CA ALA B 147 -25.71 -42.27 -5.01
C ALA B 147 -24.30 -42.84 -4.86
N ILE B 148 -24.13 -43.64 -3.82
CA ILE B 148 -22.85 -44.24 -3.45
C ILE B 148 -23.13 -45.63 -2.87
N PRO B 149 -22.32 -46.65 -3.16
CA PRO B 149 -22.55 -47.97 -2.51
C PRO B 149 -22.46 -47.88 -1.00
N LEU B 150 -23.41 -48.54 -0.33
CA LEU B 150 -23.54 -48.40 1.13
C LEU B 150 -22.29 -48.88 1.85
N ALA B 151 -21.65 -49.93 1.32
CA ALA B 151 -20.39 -50.39 1.92
C ALA B 151 -19.32 -49.31 1.85
N ASP B 152 -19.23 -48.61 0.72
CA ASP B 152 -18.28 -47.50 0.62
C ASP B 152 -18.57 -46.43 1.67
N PHE B 153 -19.84 -46.06 1.82
CA PHE B 153 -20.15 -45.05 2.82
C PHE B 153 -19.77 -45.53 4.21
N LEU B 154 -20.10 -46.78 4.54
CA LEU B 154 -19.80 -47.28 5.89
C LEU B 154 -18.31 -47.36 6.13
N ALA B 155 -17.52 -47.72 5.11
CA ALA B 155 -16.07 -47.69 5.27
C ALA B 155 -15.58 -46.29 5.58
N SER B 156 -16.14 -45.30 4.87
CA SER B 156 -15.76 -43.91 5.08
C SER B 156 -16.23 -43.42 6.44
N TRP B 157 -17.50 -43.68 6.78
CA TRP B 157 -18.06 -43.19 8.03
C TRP B 157 -17.38 -43.81 9.25
N GLY B 158 -16.89 -45.04 9.12
CA GLY B 158 -16.28 -45.73 10.22
C GLY B 158 -14.77 -45.80 10.21
N SER B 159 -14.10 -45.06 9.31
CA SER B 159 -12.66 -45.24 9.13
C SER B 159 -11.89 -44.87 10.38
N LEU B 160 -10.72 -45.48 10.52
CA LEU B 160 -9.82 -45.19 11.63
C LEU B 160 -8.90 -44.01 11.34
N ASN B 161 -8.87 -43.54 10.08
CA ASN B 161 -8.05 -42.41 9.63
C ASN B 161 -6.63 -42.49 10.22
N PRO B 162 -5.93 -43.61 10.01
CA PRO B 162 -4.62 -43.80 10.68
C PRO B 162 -3.65 -42.72 10.24
N PRO B 163 -2.62 -42.44 11.04
CA PRO B 163 -1.62 -41.45 10.62
C PRO B 163 -1.08 -41.78 9.22
N ASP B 164 -1.09 -40.78 8.35
CA ASP B 164 -0.70 -40.91 6.96
C ASP B 164 0.48 -39.99 6.72
N ASP B 165 1.54 -40.52 6.10
CA ASP B 165 2.70 -39.69 5.81
C ASP B 165 2.41 -38.63 4.74
N ALA B 166 1.40 -38.85 3.90
CA ALA B 166 1.04 -37.92 2.83
C ALA B 166 -0.01 -36.91 3.25
N ASP B 167 -0.48 -36.96 4.50
CA ASP B 167 -1.39 -35.96 5.06
C ASP B 167 -1.02 -35.76 6.52
N VAL B 168 -0.09 -34.84 6.77
CA VAL B 168 0.34 -34.57 8.14
C VAL B 168 -0.63 -33.58 8.78
N PHE B 169 -1.72 -33.27 8.07
CA PHE B 169 -2.66 -32.28 8.53
C PHE B 169 -4.02 -32.84 8.93
N PHE B 170 -4.58 -33.78 8.18
CA PHE B 170 -5.94 -34.22 8.46
C PHE B 170 -6.04 -35.75 8.61
N SER B 171 -4.94 -36.41 8.98
CA SER B 171 -4.95 -37.84 9.32
C SER B 171 -4.92 -38.00 10.83
N ALA B 172 -4.94 -39.27 11.28
CA ALA B 172 -4.95 -39.62 12.72
C ALA B 172 -6.12 -38.95 13.47
N SER B 173 -7.30 -38.94 12.84
CA SER B 173 -8.55 -38.50 13.46
C SER B 173 -9.66 -39.43 13.01
N PRO B 174 -9.98 -40.46 13.80
CA PRO B 174 -10.99 -41.44 13.36
C PRO B 174 -12.34 -40.79 13.08
N SER B 175 -12.97 -41.27 11.99
CA SER B 175 -14.31 -40.79 11.65
C SER B 175 -15.31 -41.05 12.77
N GLY B 176 -15.25 -42.24 13.39
CA GLY B 176 -16.01 -42.54 14.57
C GLY B 176 -17.52 -42.65 14.38
N ARG B 177 -17.97 -42.70 13.12
CA ARG B 177 -19.40 -42.72 12.78
C ARG B 177 -20.15 -41.57 13.46
N ARG B 178 -19.54 -40.40 13.49
CA ARG B 178 -20.19 -39.25 14.12
C ARG B 178 -20.72 -38.31 13.04
N TRP B 179 -21.72 -37.51 13.44
CA TRP B 179 -22.46 -36.68 12.49
C TRP B 179 -23.05 -35.46 13.19
N LEU B 180 -23.48 -34.51 12.37
CA LEU B 180 -23.80 -33.16 12.82
C LEU B 180 -25.23 -32.81 12.45
N ARG B 181 -26.02 -32.43 13.45
CA ARG B 181 -27.37 -31.93 13.27
C ARG B 181 -27.34 -30.43 13.46
N THR B 182 -28.04 -29.71 12.57
CA THR B 182 -28.09 -28.25 12.63
C THR B 182 -29.54 -27.80 12.66
N ARG B 183 -29.77 -26.64 13.26
CA ARG B 183 -31.12 -26.11 13.38
C ARG B 183 -31.06 -24.60 13.58
N MET B 184 -31.95 -23.88 12.88
CA MET B 184 -32.16 -22.45 13.09
C MET B 184 -33.32 -22.29 14.06
N THR B 185 -33.00 -21.99 15.31
CA THR B 185 -33.93 -22.15 16.42
C THR B 185 -34.61 -20.83 16.79
N GLY B 186 -35.25 -20.19 15.80
CA GLY B 186 -36.05 -19.01 16.06
C GLY B 186 -35.89 -17.92 15.02
N PRO B 187 -36.64 -16.81 15.17
CA PRO B 187 -36.65 -15.74 14.15
C PRO B 187 -35.26 -15.18 13.85
N VAL B 188 -34.98 -14.94 12.57
CA VAL B 188 -33.68 -14.40 12.17
C VAL B 188 -33.75 -12.87 12.23
N PRO B 189 -32.65 -12.20 12.54
CA PRO B 189 -32.67 -10.73 12.58
C PRO B 189 -32.84 -10.13 11.19
N GLU B 190 -33.56 -9.03 11.13
CA GLU B 190 -33.66 -8.30 9.88
C GLU B 190 -32.31 -7.73 9.50
N PRO B 191 -31.73 -8.11 8.35
CA PRO B 191 -30.38 -7.68 7.97
C PRO B 191 -30.31 -6.25 7.44
N ASP B 192 -30.88 -5.31 8.18
CA ASP B 192 -30.93 -3.93 7.71
C ASP B 192 -29.60 -3.22 7.97
N ARG B 193 -29.57 -1.93 7.68
CA ARG B 193 -28.32 -1.18 7.78
C ARG B 193 -27.82 -1.09 9.22
N HIS B 194 -28.74 -0.89 10.19
CA HIS B 194 -28.32 -0.85 11.59
C HIS B 194 -27.70 -2.16 12.03
N TRP B 195 -28.29 -3.27 11.62
CA TRP B 195 -27.76 -4.56 12.01
C TRP B 195 -26.35 -4.75 11.46
N VAL B 196 -26.14 -4.42 10.18
CA VAL B 196 -24.80 -4.51 9.61
C VAL B 196 -23.85 -3.59 10.36
N GLY B 197 -24.30 -2.39 10.71
CA GLY B 197 -23.49 -1.53 11.56
C GLY B 197 -23.05 -2.21 12.84
N ARG B 198 -23.99 -2.82 13.56
CA ARG B 198 -23.64 -3.43 14.84
C ARG B 198 -22.73 -4.63 14.65
N VAL B 199 -22.98 -5.40 13.59
CA VAL B 199 -22.16 -6.57 13.29
C VAL B 199 -20.72 -6.16 13.06
N ILE B 200 -20.51 -5.10 12.27
CA ILE B 200 -19.16 -4.62 12.00
C ILE B 200 -18.53 -4.14 13.29
N ARG B 201 -19.26 -3.31 14.05
CA ARG B 201 -18.69 -2.75 15.26
C ARG B 201 -18.34 -3.84 16.28
N GLU B 202 -19.17 -4.88 16.38
CA GLU B 202 -18.84 -5.97 17.30
C GLU B 202 -17.61 -6.76 16.83
N ASN B 203 -17.50 -7.04 15.53
CA ASN B 203 -16.28 -7.71 15.03
C ASN B 203 -15.04 -6.89 15.36
N VAL B 204 -15.09 -5.57 15.14
CA VAL B 204 -13.92 -4.73 15.37
C VAL B 204 -13.58 -4.70 16.85
N ALA B 205 -14.57 -4.48 17.70
CA ALA B 205 -14.34 -4.40 19.13
C ALA B 205 -13.77 -5.71 19.68
N ARG B 206 -14.28 -6.84 19.20
CA ARG B 206 -13.73 -8.13 19.60
C ARG B 206 -12.28 -8.28 19.14
N TYR B 207 -11.96 -7.83 17.92
CA TYR B 207 -10.60 -7.93 17.41
C TYR B 207 -9.62 -7.14 18.27
N ARG B 208 -10.03 -5.95 18.74
CA ARG B 208 -9.14 -5.04 19.44
C ARG B 208 -8.97 -5.34 20.92
N GLN B 209 -9.88 -6.09 21.54
CA GLN B 209 -9.91 -6.15 23.00
C GLN B 209 -8.82 -7.10 23.53
N GLU B 210 -8.51 -6.96 24.82
CA GLU B 210 -7.43 -7.73 25.42
C GLU B 210 -7.83 -9.19 25.57
N PRO B 211 -7.00 -10.13 25.13
CA PRO B 211 -7.40 -11.55 25.15
C PRO B 211 -7.58 -12.06 26.56
N PRO B 212 -8.37 -13.12 26.75
CA PRO B 212 -8.37 -13.83 28.04
C PRO B 212 -7.00 -14.41 28.32
N ALA B 213 -6.86 -14.94 29.53
CA ALA B 213 -5.61 -15.61 29.89
C ALA B 213 -5.44 -16.92 29.13
N ASP B 214 -6.53 -17.63 28.86
CA ASP B 214 -6.44 -18.99 28.32
C ASP B 214 -6.53 -19.06 26.79
N THR B 215 -6.77 -17.94 26.11
CA THR B 215 -7.05 -17.98 24.68
C THR B 215 -6.43 -16.77 23.99
N GLN B 216 -5.72 -17.03 22.89
CA GLN B 216 -5.18 -15.96 22.04
C GLN B 216 -6.28 -15.47 21.09
N THR B 217 -6.71 -14.23 21.24
CA THR B 217 -7.85 -13.76 20.46
C THR B 217 -7.58 -12.40 19.83
N GLY B 218 -8.18 -12.20 18.66
CA GLY B 218 -8.20 -10.88 18.04
C GLY B 218 -6.84 -10.48 17.52
N LEU B 219 -6.69 -9.15 17.35
CA LEU B 219 -5.41 -8.60 16.91
C LEU B 219 -4.28 -8.82 17.90
N PRO B 220 -4.42 -8.51 19.21
CA PRO B 220 -3.32 -8.82 20.13
C PRO B 220 -2.97 -10.29 20.16
N GLY B 221 -3.97 -11.17 20.13
CA GLY B 221 -3.68 -12.58 20.13
C GLY B 221 -2.93 -13.02 18.89
N LEU B 222 -3.32 -12.50 17.73
CA LEU B 222 -2.67 -12.89 16.49
C LEU B 222 -1.20 -12.49 16.51
N ARG B 223 -0.89 -11.27 16.97
CA ARG B 223 0.49 -10.85 17.12
C ARG B 223 1.27 -11.83 17.98
N ARG B 224 0.78 -12.12 19.19
CA ARG B 224 1.53 -13.01 20.08
C ARG B 224 1.67 -14.38 19.48
N TYR B 225 0.60 -14.88 18.83
CA TYR B 225 0.66 -16.17 18.18
C TYR B 225 1.75 -16.21 17.10
N LEU B 226 1.74 -15.23 16.19
CA LEU B 226 2.72 -15.23 15.11
C LEU B 226 4.15 -15.11 15.66
N ASP B 227 4.34 -14.31 16.71
CA ASP B 227 5.66 -14.19 17.33
C ASP B 227 6.13 -15.54 17.86
N GLU B 228 5.24 -16.29 18.51
CA GLU B 228 5.61 -17.60 19.01
C GLU B 228 6.01 -18.53 17.88
N LEU B 229 5.27 -18.47 16.77
CA LEU B 229 5.55 -19.30 15.61
C LEU B 229 6.95 -19.03 15.07
N CYS B 230 7.28 -17.76 14.88
CA CYS B 230 8.56 -17.37 14.32
C CYS B 230 9.73 -17.63 15.27
N ALA B 231 9.46 -17.83 16.57
CA ALA B 231 10.53 -18.09 17.53
C ALA B 231 11.04 -19.53 17.45
N LEU B 232 10.19 -20.46 17.01
CA LEU B 232 10.57 -21.86 16.97
C LEU B 232 11.66 -22.12 15.92
N THR B 233 12.48 -23.12 16.19
CA THR B 233 13.59 -23.47 15.31
C THR B 233 13.12 -24.36 14.17
N PRO B 234 13.26 -23.94 12.91
CA PRO B 234 12.74 -24.75 11.80
C PRO B 234 13.43 -26.10 11.73
N GLY B 235 12.65 -27.13 11.45
CA GLY B 235 13.14 -28.48 11.44
C GLY B 235 12.90 -29.26 12.72
N THR B 236 12.85 -28.59 13.86
CA THR B 236 12.67 -29.28 15.14
C THR B 236 11.26 -29.83 15.29
N ASN B 237 11.13 -30.76 16.22
CA ASN B 237 9.84 -31.40 16.45
C ASN B 237 8.78 -30.40 16.93
N ALA B 238 9.18 -29.43 17.77
CA ALA B 238 8.24 -28.42 18.20
C ALA B 238 7.75 -27.58 17.03
N ALA B 239 8.67 -27.24 16.12
CA ALA B 239 8.29 -26.50 14.92
C ALA B 239 7.39 -27.31 14.00
N SER B 240 7.55 -28.64 13.97
CA SER B 240 6.72 -29.42 13.07
C SER B 240 5.27 -29.48 13.58
N GLU B 241 5.09 -29.78 14.87
CA GLU B 241 3.74 -29.78 15.42
C GLU B 241 3.14 -28.38 15.38
N ALA B 242 3.96 -27.34 15.50
CA ALA B 242 3.44 -25.97 15.45
C ALA B 242 2.98 -25.60 14.04
N LEU B 243 3.73 -26.03 13.03
CA LEU B 243 3.34 -25.72 11.66
C LEU B 243 2.17 -26.58 11.20
N SER B 244 2.06 -27.81 11.70
CA SER B 244 0.86 -28.61 11.43
C SER B 244 -0.39 -27.93 11.98
N GLU B 245 -0.32 -27.45 13.23
CA GLU B 245 -1.45 -26.71 13.79
C GLU B 245 -1.75 -25.47 12.96
N LEU B 246 -0.70 -24.74 12.55
CA LEU B 246 -0.92 -23.51 11.78
C LEU B 246 -1.76 -23.76 10.54
N TYR B 247 -1.36 -24.74 9.71
CA TYR B 247 -2.09 -24.98 8.46
C TYR B 247 -3.53 -25.38 8.74
N VAL B 248 -3.76 -26.17 9.79
CA VAL B 248 -5.11 -26.65 10.08
C VAL B 248 -5.99 -25.52 10.61
N ILE B 249 -5.59 -24.88 11.71
CA ILE B 249 -6.50 -23.92 12.30
C ILE B 249 -6.76 -22.74 11.38
N SER B 250 -5.82 -22.42 10.48
CA SER B 250 -5.95 -21.22 9.64
C SER B 250 -6.78 -21.44 8.37
N TRP B 251 -7.04 -22.68 7.96
CA TRP B 251 -7.92 -22.88 6.81
C TRP B 251 -9.25 -22.17 7.04
N ASN B 252 -9.99 -22.59 8.06
CA ASN B 252 -11.32 -22.02 8.24
C ASN B 252 -11.29 -20.60 8.81
N ILE B 253 -10.18 -20.17 9.40
CA ILE B 253 -10.04 -18.75 9.74
C ILE B 253 -9.87 -17.92 8.46
N GLN B 254 -9.02 -18.40 7.53
CA GLN B 254 -8.91 -17.74 6.23
C GLN B 254 -10.25 -17.77 5.50
N ALA B 255 -10.93 -18.93 5.55
CA ALA B 255 -12.26 -19.05 4.96
C ALA B 255 -13.20 -17.96 5.46
N GLN B 256 -13.21 -17.74 6.78
CA GLN B 256 -14.12 -16.74 7.33
C GLN B 256 -13.77 -15.34 6.80
N SER B 257 -12.48 -15.05 6.64
CA SER B 257 -12.12 -13.73 6.11
C SER B 257 -12.66 -13.52 4.70
N GLY B 258 -12.50 -14.53 3.83
CA GLY B 258 -13.03 -14.39 2.47
C GLY B 258 -14.54 -14.31 2.45
N LEU B 259 -15.21 -15.08 3.29
CA LEU B 259 -16.66 -15.00 3.42
C LEU B 259 -17.11 -13.63 3.95
N HIS B 260 -16.40 -13.08 4.94
CA HIS B 260 -16.79 -11.77 5.46
C HIS B 260 -16.66 -10.68 4.40
N ALA B 261 -15.58 -10.72 3.61
CA ALA B 261 -15.43 -9.73 2.54
C ALA B 261 -16.58 -9.81 1.54
N GLU B 262 -17.06 -11.03 1.25
CA GLU B 262 -18.20 -11.19 0.35
C GLU B 262 -19.46 -10.60 0.95
N PHE B 263 -19.63 -10.79 2.27
CA PHE B 263 -20.76 -10.19 2.99
C PHE B 263 -20.73 -8.68 2.85
N LEU B 264 -19.54 -8.08 2.95
CA LEU B 264 -19.41 -6.63 2.77
C LEU B 264 -19.65 -6.23 1.32
N ARG B 265 -19.11 -6.98 0.36
CA ARG B 265 -19.33 -6.62 -1.04
C ARG B 265 -20.82 -6.65 -1.36
N ALA B 266 -21.51 -7.69 -0.88
CA ALA B 266 -22.91 -7.86 -1.22
C ALA B 266 -23.76 -6.70 -0.69
N HIS B 267 -23.51 -6.27 0.55
CA HIS B 267 -24.26 -5.14 1.10
C HIS B 267 -23.80 -3.83 0.49
N SER B 268 -22.56 -3.76 0.01
CA SER B 268 -22.09 -2.57 -0.70
C SER B 268 -22.88 -2.36 -1.98
N VAL B 269 -23.15 -3.43 -2.72
CA VAL B 269 -23.97 -3.34 -3.92
C VAL B 269 -25.42 -3.06 -3.56
N LYS B 270 -25.94 -3.76 -2.54
CA LYS B 270 -27.33 -3.60 -2.09
C LYS B 270 -27.69 -2.14 -1.84
N TRP B 271 -26.87 -1.44 -1.06
CA TRP B 271 -27.20 -0.08 -0.63
C TRP B 271 -26.33 0.97 -1.32
N ARG B 272 -25.41 0.57 -2.20
CA ARG B 272 -24.51 1.50 -2.91
C ARG B 272 -23.79 2.43 -1.92
N ILE B 273 -23.13 1.81 -0.96
CA ILE B 273 -22.25 2.47 0.01
C ILE B 273 -20.81 2.08 -0.27
N PRO B 274 -20.02 2.95 -0.91
CA PRO B 274 -18.65 2.54 -1.24
C PRO B 274 -17.78 2.25 -0.01
N GLU B 275 -18.07 2.85 1.15
CA GLU B 275 -17.32 2.52 2.36
C GLU B 275 -17.33 1.01 2.64
N LEU B 276 -18.42 0.33 2.27
CA LEU B 276 -18.51 -1.10 2.50
C LEU B 276 -17.65 -1.89 1.53
N ALA B 277 -17.51 -1.44 0.27
CA ALA B 277 -16.62 -2.13 -0.66
C ALA B 277 -15.16 -1.86 -0.31
N GLU B 278 -14.85 -0.65 0.15
CA GLU B 278 -13.48 -0.34 0.55
C GLU B 278 -13.07 -1.19 1.76
N ALA B 279 -13.95 -1.31 2.75
CA ALA B 279 -13.66 -2.21 3.86
C ALA B 279 -13.56 -3.65 3.37
N ALA B 280 -14.37 -4.04 2.38
CA ALA B 280 -14.32 -5.41 1.90
C ALA B 280 -12.94 -5.72 1.36
N ALA B 281 -12.35 -4.76 0.64
CA ALA B 281 -11.01 -4.93 0.10
C ALA B 281 -9.99 -5.08 1.21
N GLY B 282 -10.12 -4.31 2.29
CA GLY B 282 -9.23 -4.51 3.42
C GLY B 282 -9.34 -5.90 4.01
N VAL B 283 -10.57 -6.42 4.18
CA VAL B 283 -10.76 -7.74 4.78
C VAL B 283 -10.23 -8.82 3.85
N ASP B 284 -10.47 -8.67 2.54
CA ASP B 284 -9.91 -9.62 1.58
C ASP B 284 -8.38 -9.60 1.61
N ALA B 285 -7.77 -8.44 1.89
CA ALA B 285 -6.32 -8.40 2.00
C ALA B 285 -5.83 -9.23 3.18
N VAL B 286 -6.59 -9.26 4.28
CA VAL B 286 -6.27 -10.16 5.38
C VAL B 286 -6.41 -11.61 4.94
N ALA B 287 -7.45 -11.91 4.17
CA ALA B 287 -7.60 -13.27 3.66
C ALA B 287 -6.39 -13.68 2.83
N HIS B 288 -5.91 -12.76 1.97
CA HIS B 288 -4.78 -13.08 1.11
C HIS B 288 -3.48 -13.09 1.89
N GLY B 289 -3.42 -12.32 2.97
CA GLY B 289 -2.27 -12.37 3.86
C GLY B 289 -2.07 -13.75 4.45
N TRP B 290 -3.18 -14.44 4.75
CA TRP B 290 -3.07 -15.78 5.30
C TRP B 290 -2.38 -16.73 4.33
N THR B 291 -2.49 -16.47 3.03
CA THR B 291 -1.87 -17.36 2.05
C THR B 291 -0.36 -17.36 2.19
N GLY B 292 0.24 -16.18 2.32
CA GLY B 292 1.68 -16.10 2.51
C GLY B 292 2.11 -16.83 3.76
N VAL B 293 1.41 -16.63 4.87
CA VAL B 293 1.78 -17.29 6.11
C VAL B 293 1.55 -18.79 6.00
N ARG B 294 0.36 -19.20 5.54
CA ARG B 294 0.01 -20.62 5.52
C ARG B 294 0.94 -21.39 4.60
N MET B 295 1.12 -20.90 3.37
CA MET B 295 1.85 -21.67 2.39
C MET B 295 3.34 -21.73 2.72
N THR B 296 3.88 -20.65 3.32
CA THR B 296 5.27 -20.68 3.73
C THR B 296 5.47 -21.73 4.83
N GLY B 297 4.57 -21.75 5.81
CA GLY B 297 4.61 -22.80 6.80
C GLY B 297 4.38 -24.18 6.19
N ALA B 298 3.47 -24.27 5.22
CA ALA B 298 3.12 -25.58 4.67
C ALA B 298 4.31 -26.23 3.97
N HIS B 299 5.08 -25.44 3.22
CA HIS B 299 6.24 -25.99 2.52
C HIS B 299 7.42 -26.25 3.44
N SER B 300 7.56 -25.51 4.55
CA SER B 300 8.58 -25.85 5.52
C SER B 300 8.24 -27.17 6.22
N ARG B 301 6.97 -27.37 6.55
CA ARG B 301 6.53 -28.58 7.25
C ARG B 301 6.64 -29.83 6.39
N VAL B 302 6.30 -29.72 5.10
CA VAL B 302 6.09 -30.88 4.23
C VAL B 302 7.33 -31.21 3.40
N TRP B 303 8.01 -30.18 2.89
CA TRP B 303 9.14 -30.38 2.00
C TRP B 303 10.46 -29.88 2.60
N GLN B 304 10.44 -29.42 3.85
CA GLN B 304 11.62 -28.91 4.56
C GLN B 304 12.19 -27.64 3.94
N ARG B 305 11.34 -26.84 3.29
CA ARG B 305 11.73 -25.54 2.76
C ARG B 305 11.74 -24.53 3.91
N HIS B 306 12.84 -24.51 4.68
CA HIS B 306 12.91 -23.68 5.88
C HIS B 306 13.31 -22.26 5.50
N ARG B 307 12.38 -21.32 5.67
CA ARG B 307 12.57 -19.92 5.27
C ARG B 307 12.09 -19.00 6.38
N PRO B 308 12.81 -18.94 7.50
CA PRO B 308 12.37 -18.06 8.61
C PRO B 308 12.20 -16.59 8.23
N ALA B 309 13.03 -16.05 7.35
CA ALA B 309 12.85 -14.66 6.95
C ALA B 309 11.52 -14.45 6.22
N GLU B 310 11.15 -15.35 5.30
CA GLU B 310 9.86 -15.20 4.62
C GLU B 310 8.71 -15.38 5.60
N LEU B 311 8.78 -16.38 6.48
CA LEU B 311 7.70 -16.60 7.42
C LEU B 311 7.51 -15.37 8.33
N ARG B 312 8.60 -14.78 8.80
CA ARG B 312 8.45 -13.57 9.60
C ARG B 312 7.91 -12.41 8.77
N GLY B 313 8.30 -12.34 7.49
CA GLY B 313 7.85 -11.24 6.65
C GLY B 313 6.38 -11.29 6.32
N HIS B 314 5.86 -12.48 5.97
CA HIS B 314 4.42 -12.63 5.77
C HIS B 314 3.66 -12.39 7.08
N ALA B 315 4.25 -12.76 8.22
CA ALA B 315 3.54 -12.58 9.48
C ALA B 315 3.29 -11.11 9.77
N THR B 316 4.33 -10.26 9.66
CA THR B 316 4.06 -8.86 9.98
C THR B 316 3.21 -8.22 8.88
N ALA B 317 3.33 -8.67 7.64
CA ALA B 317 2.44 -8.16 6.62
C ALA B 317 0.99 -8.48 6.95
N LEU B 318 0.73 -9.69 7.47
CA LEU B 318 -0.63 -10.05 7.88
C LEU B 318 -1.13 -9.12 8.97
N VAL B 319 -0.32 -8.91 10.01
CA VAL B 319 -0.74 -8.04 11.11
C VAL B 319 -1.06 -6.64 10.62
N ARG B 320 -0.18 -6.08 9.77
CA ARG B 320 -0.42 -4.74 9.22
C ARG B 320 -1.69 -4.70 8.39
N ARG B 321 -1.94 -5.71 7.56
CA ARG B 321 -3.18 -5.72 6.81
C ARG B 321 -4.38 -5.77 7.74
N LEU B 322 -4.28 -6.52 8.85
CA LEU B 322 -5.37 -6.57 9.82
C LEU B 322 -5.59 -5.21 10.47
N GLU B 323 -4.52 -4.50 10.77
CA GLU B 323 -4.67 -3.17 11.34
C GLU B 323 -5.32 -2.19 10.36
N ALA B 324 -4.93 -2.25 9.08
CA ALA B 324 -5.58 -1.43 8.05
C ALA B 324 -7.06 -1.77 7.87
N ALA B 325 -7.40 -3.06 7.88
CA ALA B 325 -8.79 -3.45 7.72
C ALA B 325 -9.66 -2.86 8.82
N LEU B 326 -9.26 -3.06 10.09
CA LEU B 326 -10.08 -2.59 11.21
C LEU B 326 -10.43 -1.11 11.07
N ASP B 327 -9.46 -0.29 10.67
CA ASP B 327 -9.74 1.14 10.48
C ASP B 327 -10.77 1.37 9.37
N LEU B 328 -10.64 0.65 8.25
CA LEU B 328 -11.60 0.75 7.16
C LEU B 328 -12.99 0.29 7.60
N LEU B 329 -13.04 -0.83 8.36
CA LEU B 329 -14.31 -1.29 8.87
C LEU B 329 -14.99 -0.25 9.75
N GLU B 330 -14.23 0.57 10.47
CA GLU B 330 -14.88 1.55 11.33
C GLU B 330 -15.53 2.67 10.51
N LEU B 331 -14.83 3.15 9.47
CA LEU B 331 -15.43 4.08 8.51
C LEU B 331 -16.69 3.50 7.88
N ALA B 332 -16.67 2.21 7.53
CA ALA B 332 -17.85 1.56 6.97
C ALA B 332 -19.02 1.62 7.93
N ALA B 333 -18.81 1.20 9.19
CA ALA B 333 -19.88 1.19 10.18
C ALA B 333 -20.46 2.59 10.35
N ASP B 334 -19.60 3.61 10.32
CA ASP B 334 -20.08 4.98 10.39
C ASP B 334 -20.96 5.32 9.19
N ALA B 335 -20.59 4.85 8.00
CA ALA B 335 -21.37 5.20 6.83
C ALA B 335 -22.70 4.47 6.78
N VAL B 336 -22.80 3.31 7.44
CA VAL B 336 -24.06 2.55 7.37
C VAL B 336 -25.09 3.04 8.39
N SER B 337 -24.67 3.63 9.52
CA SER B 337 -25.54 3.91 10.66
C SER B 337 -24.86 4.90 11.60
N LEU B 338 -25.67 5.60 12.41
CA LEU B 338 -25.17 6.46 13.49
C LEU B 338 -25.21 5.70 14.83
N GLU B 339 -24.08 5.70 15.56
CA GLU B 339 -23.99 5.02 16.86
C GLU B 339 -24.14 5.98 18.04
N VAL C 19 16.00 -11.65 -27.05
CA VAL C 19 14.67 -11.31 -26.56
C VAL C 19 13.79 -10.84 -27.71
N LEU C 20 12.55 -11.32 -27.75
CA LEU C 20 11.62 -10.96 -28.81
C LEU C 20 10.95 -9.63 -28.52
N THR C 21 11.01 -8.72 -29.50
CA THR C 21 10.05 -7.64 -29.57
C THR C 21 9.15 -7.86 -30.79
N LEU C 22 7.84 -7.80 -30.57
CA LEU C 22 6.82 -7.98 -31.57
C LEU C 22 5.95 -6.74 -31.63
N PRO C 23 5.51 -6.36 -32.82
CA PRO C 23 4.72 -5.14 -32.95
C PRO C 23 3.25 -5.34 -32.53
N GLY C 24 2.71 -4.31 -31.88
CA GLY C 24 1.32 -4.29 -31.47
C GLY C 24 0.46 -3.29 -32.23
N THR C 25 -0.86 -3.43 -32.11
CA THR C 25 -1.82 -2.72 -32.93
C THR C 25 -2.36 -1.45 -32.26
N ALA C 26 -2.61 -0.42 -33.07
CA ALA C 26 -3.26 0.81 -32.61
C ALA C 26 -4.70 0.54 -32.18
N SER C 27 -5.28 1.46 -31.40
CA SER C 27 -6.50 1.02 -30.72
C SER C 27 -7.67 1.99 -30.69
N ALA C 28 -7.47 3.30 -30.73
CA ALA C 28 -8.59 4.26 -30.69
C ALA C 28 -9.50 4.16 -29.47
N PRO C 29 -9.03 4.44 -28.27
CA PRO C 29 -9.91 4.46 -27.11
C PRO C 29 -10.71 5.76 -27.06
N GLU C 30 -11.49 5.88 -26.01
CA GLU C 30 -12.43 6.98 -25.82
C GLU C 30 -12.08 7.73 -24.52
N PHE C 31 -12.14 9.07 -24.57
CA PHE C 31 -11.92 9.90 -23.39
C PHE C 31 -13.25 10.41 -22.86
N ARG C 32 -13.49 10.19 -21.58
CA ARG C 32 -14.69 10.72 -20.93
C ARG C 32 -14.25 11.78 -19.92
N LEU C 33 -14.63 13.02 -20.19
CA LEU C 33 -14.21 14.15 -19.40
C LEU C 33 -15.22 14.37 -18.28
N ILE C 34 -14.78 14.21 -17.03
CA ILE C 34 -15.72 14.13 -15.91
C ILE C 34 -16.09 15.54 -15.45
N ASP C 35 -17.39 15.77 -15.27
CA ASP C 35 -17.90 17.02 -14.74
C ASP C 35 -17.75 17.05 -13.23
N ILE C 36 -16.77 17.80 -12.73
CA ILE C 36 -16.54 17.92 -11.30
C ILE C 36 -17.06 19.24 -10.74
N ASP C 37 -17.89 19.95 -11.50
CA ASP C 37 -18.32 21.29 -11.11
C ASP C 37 -19.16 21.29 -9.83
N GLY C 38 -19.83 20.17 -9.51
CA GLY C 38 -20.52 20.09 -8.24
C GLY C 38 -19.64 19.87 -7.02
N LEU C 39 -18.38 19.50 -7.20
CA LEU C 39 -17.50 19.24 -6.08
C LEU C 39 -16.53 20.39 -5.80
N LEU C 40 -16.64 21.51 -6.51
CA LEU C 40 -15.68 22.58 -6.30
C LEU C 40 -15.87 23.18 -4.91
N ASN C 41 -14.79 23.17 -4.12
CA ASN C 41 -14.91 23.44 -2.69
C ASN C 41 -13.81 24.33 -2.12
N ASN C 42 -12.94 24.89 -2.97
CA ASN C 42 -11.77 25.63 -2.53
C ASN C 42 -11.37 26.55 -3.68
N ARG C 43 -10.68 27.64 -3.34
CA ARG C 43 -10.24 28.62 -4.32
C ARG C 43 -8.71 28.60 -4.39
N ALA C 44 -8.18 27.99 -5.45
CA ALA C 44 -6.74 27.92 -5.65
C ALA C 44 -6.26 28.89 -6.72
N THR C 45 -7.16 29.60 -7.38
CA THR C 45 -6.85 30.45 -8.51
C THR C 45 -7.56 31.79 -8.36
N THR C 46 -6.87 32.84 -8.79
CA THR C 46 -7.30 34.18 -8.43
C THR C 46 -6.82 35.12 -9.54
N ASP C 47 -7.60 36.15 -9.84
CA ASP C 47 -7.21 37.19 -10.79
C ASP C 47 -6.72 38.41 -10.03
N VAL C 48 -6.18 39.39 -10.75
CA VAL C 48 -5.50 40.50 -10.09
C VAL C 48 -6.43 41.33 -9.22
N ARG C 49 -7.75 41.18 -9.38
CA ARG C 49 -8.71 41.98 -8.63
C ARG C 49 -9.16 41.30 -7.34
N ASP C 50 -8.89 40.02 -7.15
CA ASP C 50 -9.29 39.36 -5.89
C ASP C 50 -8.18 38.45 -5.37
N LEU C 51 -6.98 39.02 -5.23
CA LEU C 51 -5.83 38.32 -4.68
C LEU C 51 -6.11 37.75 -3.29
N GLY C 52 -6.98 38.41 -2.51
CA GLY C 52 -7.27 37.99 -1.15
C GLY C 52 -8.14 36.74 -1.03
N SER C 53 -8.75 36.29 -2.12
CA SER C 53 -9.52 35.06 -2.04
C SER C 53 -8.68 33.78 -2.14
N GLY C 54 -7.36 33.90 -2.29
CA GLY C 54 -6.55 32.72 -2.58
C GLY C 54 -6.40 31.81 -1.37
N ARG C 55 -6.73 30.52 -1.56
CA ARG C 55 -6.51 29.50 -0.52
C ARG C 55 -5.90 28.26 -1.13
N LEU C 56 -4.89 28.42 -1.98
CA LEU C 56 -4.15 27.26 -2.46
C LEU C 56 -3.31 26.64 -1.35
N ASN C 57 -2.79 27.45 -0.45
CA ASN C 57 -1.99 26.95 0.67
C ASN C 57 -2.45 27.66 1.93
N ALA C 58 -1.87 27.28 3.06
CA ALA C 58 -2.22 27.96 4.30
C ALA C 58 -1.81 29.43 4.29
N TRP C 59 -0.87 29.83 3.44
CA TRP C 59 -0.38 31.20 3.35
C TRP C 59 -1.23 32.12 2.46
N GLY C 60 -2.25 31.60 1.78
CA GLY C 60 -3.07 32.49 0.98
C GLY C 60 -2.57 32.75 -0.41
N ASN C 61 -1.69 31.91 -0.93
CA ASN C 61 -1.27 31.99 -2.32
C ASN C 61 -2.33 31.40 -3.24
N SER C 62 -2.11 31.63 -4.55
CA SER C 62 -2.94 31.00 -5.58
C SER C 62 -2.21 31.07 -6.90
N PHE C 63 -2.60 30.18 -7.83
CA PHE C 63 -2.27 30.32 -9.25
C PHE C 63 -2.79 31.66 -9.76
N PRO C 64 -2.12 32.25 -10.76
CA PRO C 64 -2.69 33.43 -11.43
C PRO C 64 -3.64 33.02 -12.56
N ALA C 65 -4.85 33.59 -12.53
CA ALA C 65 -5.90 33.15 -13.44
C ALA C 65 -5.53 33.38 -14.89
N ALA C 66 -4.69 34.39 -15.16
CA ALA C 66 -4.43 34.82 -16.51
C ALA C 66 -3.48 33.89 -17.28
N GLU C 67 -2.81 32.97 -16.60
CA GLU C 67 -1.95 32.00 -17.28
C GLU C 67 -2.50 30.58 -17.18
N LEU C 68 -3.73 30.43 -16.73
CA LEU C 68 -4.46 29.18 -16.73
C LEU C 68 -5.62 29.27 -17.71
N PRO C 69 -6.21 28.14 -18.10
CA PRO C 69 -7.29 28.19 -19.11
C PRO C 69 -8.54 28.90 -18.61
N ALA C 70 -9.38 29.27 -19.54
CA ALA C 70 -10.64 29.90 -19.15
C ALA C 70 -11.66 28.85 -18.70
N PRO C 71 -12.55 29.20 -17.77
CA PRO C 71 -13.59 28.25 -17.34
C PRO C 71 -14.42 27.71 -18.51
N GLY C 72 -14.70 26.40 -18.45
CA GLY C 72 -15.41 25.72 -19.51
C GLY C 72 -14.59 25.40 -20.74
N SER C 73 -13.38 25.94 -20.87
CA SER C 73 -12.53 25.75 -22.05
C SER C 73 -12.11 24.29 -22.19
N LEU C 74 -11.82 23.88 -23.42
CA LEU C 74 -11.28 22.55 -23.68
C LEU C 74 -9.79 22.64 -24.02
N ILE C 75 -8.97 21.90 -23.29
CA ILE C 75 -7.52 21.90 -23.45
C ILE C 75 -7.03 20.46 -23.63
N THR C 76 -5.77 20.33 -24.03
CA THR C 76 -5.07 19.05 -24.02
C THR C 76 -3.70 19.19 -23.35
N VAL C 77 -3.33 18.16 -22.56
CA VAL C 77 -2.03 18.06 -21.91
C VAL C 77 -1.42 16.74 -22.33
N ALA C 78 -0.29 16.78 -23.05
CA ALA C 78 0.33 15.60 -23.65
C ALA C 78 -0.66 14.75 -24.45
N GLY C 79 -1.55 15.42 -25.19
CA GLY C 79 -2.55 14.77 -26.00
C GLY C 79 -3.87 14.48 -25.31
N ILE C 80 -3.93 14.53 -23.98
CA ILE C 80 -5.08 14.10 -23.19
C ILE C 80 -6.06 15.26 -23.03
N PRO C 81 -7.34 15.08 -23.35
CA PRO C 81 -8.28 16.20 -23.28
C PRO C 81 -8.84 16.41 -21.88
N PHE C 82 -9.01 17.67 -21.52
CA PHE C 82 -9.67 18.04 -20.28
C PHE C 82 -10.62 19.20 -20.54
N THR C 83 -11.66 19.30 -19.72
CA THR C 83 -12.51 20.48 -19.69
C THR C 83 -12.25 21.22 -18.40
N TRP C 84 -12.01 22.53 -18.51
CA TRP C 84 -11.67 23.33 -17.35
C TRP C 84 -12.93 23.63 -16.54
N ALA C 85 -12.80 23.55 -15.21
CA ALA C 85 -13.92 23.71 -14.30
C ALA C 85 -14.63 25.05 -14.51
N ASN C 86 -15.96 25.04 -14.33
CA ASN C 86 -16.74 26.30 -14.29
C ASN C 86 -16.79 26.80 -12.85
N ALA C 87 -15.78 27.59 -12.48
CA ALA C 87 -15.66 28.09 -11.12
C ALA C 87 -16.91 28.86 -10.73
N HIS C 88 -17.41 28.56 -9.55
CA HIS C 88 -18.53 29.23 -8.94
C HIS C 88 -18.09 29.85 -7.62
N ALA C 89 -19.09 30.20 -6.81
CA ALA C 89 -18.87 30.85 -5.53
C ALA C 89 -18.05 29.98 -4.58
N ARG C 90 -18.38 28.68 -4.52
CA ARG C 90 -17.72 27.83 -3.52
C ARG C 90 -16.25 27.57 -3.88
N GLY C 91 -15.92 27.48 -5.17
CA GLY C 91 -14.53 27.46 -5.55
C GLY C 91 -14.31 27.12 -7.02
N ASP C 92 -13.07 26.74 -7.30
CA ASP C 92 -12.54 26.53 -8.63
C ASP C 92 -11.76 25.22 -8.76
N ASN C 93 -11.66 24.42 -7.71
CA ASN C 93 -10.97 23.13 -7.76
C ASN C 93 -11.51 22.28 -6.60
N ILE C 94 -11.12 21.01 -6.57
CA ILE C 94 -11.44 20.11 -5.45
C ILE C 94 -10.22 19.99 -4.54
N ARG C 95 -10.35 20.49 -3.31
CA ARG C 95 -9.43 20.16 -2.23
C ARG C 95 -9.90 18.85 -1.62
N CYS C 96 -9.01 17.85 -1.59
CA CYS C 96 -9.45 16.46 -1.48
C CYS C 96 -9.86 16.12 -0.05
N GLU C 97 -11.10 15.65 0.11
CA GLU C 97 -11.71 15.30 1.39
C GLU C 97 -12.49 14.02 1.24
N GLY C 98 -11.92 13.04 0.54
CA GLY C 98 -12.57 11.77 0.30
C GLY C 98 -13.82 11.81 -0.55
N GLN C 99 -14.00 12.81 -1.43
CA GLN C 99 -15.22 12.87 -2.22
C GLN C 99 -15.35 11.66 -3.14
N VAL C 100 -16.57 11.17 -3.27
CA VAL C 100 -16.89 10.10 -4.21
C VAL C 100 -17.40 10.72 -5.50
N VAL C 101 -16.78 10.34 -6.62
CA VAL C 101 -17.05 10.92 -7.94
C VAL C 101 -17.66 9.83 -8.81
N ASP C 102 -18.88 10.05 -9.29
CA ASP C 102 -19.53 9.12 -10.19
C ASP C 102 -18.96 9.22 -11.60
N ILE C 103 -18.77 8.08 -12.24
CA ILE C 103 -18.26 8.06 -13.62
C ILE C 103 -19.22 7.22 -14.46
N PRO C 104 -19.30 7.44 -15.77
CA PRO C 104 -20.10 6.55 -16.61
C PRO C 104 -19.59 5.14 -16.46
N PRO C 105 -20.46 4.17 -16.20
CA PRO C 105 -20.01 2.78 -16.11
C PRO C 105 -19.28 2.37 -17.38
N GLY C 106 -18.20 1.61 -17.19
CA GLY C 106 -17.41 1.15 -18.32
C GLY C 106 -16.19 0.37 -17.86
N GLN C 107 -15.49 -0.20 -18.84
CA GLN C 107 -14.16 -0.78 -18.63
C GLN C 107 -13.09 0.26 -18.99
N TYR C 108 -12.27 0.63 -18.03
CA TYR C 108 -11.29 1.68 -18.23
C TYR C 108 -9.86 1.13 -18.19
N ASP C 109 -8.93 1.99 -18.57
CA ASP C 109 -7.49 1.71 -18.49
C ASP C 109 -6.80 2.69 -17.57
N TRP C 110 -7.12 3.98 -17.68
CA TRP C 110 -6.36 5.03 -17.03
C TRP C 110 -7.27 6.15 -16.50
N ILE C 111 -6.89 6.66 -15.33
CA ILE C 111 -7.39 7.92 -14.78
C ILE C 111 -6.30 8.97 -14.99
N TYR C 112 -6.68 10.14 -15.51
CA TYR C 112 -5.77 11.27 -15.61
C TYR C 112 -6.31 12.42 -14.78
N LEU C 113 -5.46 12.98 -13.91
CA LEU C 113 -5.77 14.13 -13.08
C LEU C 113 -4.80 15.26 -13.38
N LEU C 114 -5.33 16.48 -13.49
CA LEU C 114 -4.54 17.70 -13.45
C LEU C 114 -4.57 18.20 -12.01
N ALA C 115 -3.41 18.26 -11.38
CA ALA C 115 -3.42 18.39 -9.93
C ALA C 115 -2.13 19.04 -9.43
N ALA C 116 -2.19 19.53 -8.19
CA ALA C 116 -1.01 19.97 -7.43
C ALA C 116 -1.27 19.77 -5.95
N SER C 117 -0.18 19.74 -5.18
CA SER C 117 -0.23 19.52 -3.75
C SER C 117 0.60 20.58 -3.00
N GLU C 118 0.22 20.85 -1.76
CA GLU C 118 0.93 21.76 -0.86
C GLU C 118 2.12 21.01 -0.25
N ARG C 119 3.26 21.06 -0.94
CA ARG C 119 4.35 20.08 -0.86
C ARG C 119 3.88 18.77 -1.47
N ARG C 120 4.80 18.03 -2.09
CA ARG C 120 4.42 16.78 -2.73
C ARG C 120 3.90 15.80 -1.70
N SER C 121 2.98 14.94 -2.12
CA SER C 121 2.43 13.91 -1.25
C SER C 121 1.94 12.76 -2.12
N GLU C 122 1.59 11.65 -1.47
CA GLU C 122 1.03 10.49 -2.16
C GLU C 122 -0.09 9.89 -1.32
N ASP C 123 -1.10 9.35 -2.00
CA ASP C 123 -2.26 8.82 -1.30
C ASP C 123 -2.95 7.79 -2.19
N THR C 124 -4.22 7.51 -1.88
CA THR C 124 -5.01 6.48 -2.55
C THR C 124 -6.24 7.08 -3.22
N ILE C 125 -6.51 6.61 -4.45
CA ILE C 125 -7.79 6.79 -5.14
C ILE C 125 -8.45 5.42 -5.20
N TRP C 126 -9.64 5.32 -4.63
CA TRP C 126 -10.39 4.07 -4.69
C TRP C 126 -11.23 4.02 -5.98
N ALA C 127 -11.23 2.86 -6.63
CA ALA C 127 -12.09 2.59 -7.76
C ALA C 127 -13.10 1.52 -7.37
N HIS C 128 -14.39 1.83 -7.54
CA HIS C 128 -15.48 0.96 -7.14
C HIS C 128 -16.13 0.33 -8.36
N TYR C 129 -16.31 -0.99 -8.31
CA TYR C 129 -16.83 -1.75 -9.43
C TYR C 129 -18.23 -2.28 -9.11
N ASP C 130 -19.00 -2.59 -10.15
CA ASP C 130 -20.42 -2.89 -9.95
C ASP C 130 -20.67 -4.23 -9.28
N ASP C 131 -19.67 -5.05 -9.02
CA ASP C 131 -19.88 -6.27 -8.26
C ASP C 131 -19.51 -6.13 -6.79
N GLY C 132 -19.21 -4.93 -6.32
CA GLY C 132 -18.78 -4.72 -4.96
C GLY C 132 -17.28 -4.73 -4.73
N HIS C 133 -16.48 -5.07 -5.75
CA HIS C 133 -15.04 -5.01 -5.58
C HIS C 133 -14.59 -3.56 -5.66
N ALA C 134 -13.60 -3.21 -4.86
CA ALA C 134 -12.96 -1.92 -4.98
C ALA C 134 -11.45 -2.12 -4.87
N ASP C 135 -10.70 -1.26 -5.55
CA ASP C 135 -9.26 -1.37 -5.64
C ASP C 135 -8.62 -0.07 -5.14
N PRO C 136 -7.66 -0.13 -4.22
CA PRO C 136 -6.90 1.07 -3.86
C PRO C 136 -5.84 1.31 -4.92
N LEU C 137 -5.78 2.53 -5.44
CA LEU C 137 -4.88 2.86 -6.54
C LEU C 137 -3.93 3.96 -6.10
N ARG C 138 -2.62 3.70 -6.20
CA ARG C 138 -1.62 4.67 -5.74
C ARG C 138 -1.61 5.90 -6.64
N VAL C 139 -1.57 7.08 -6.02
CA VAL C 139 -1.43 8.33 -6.75
C VAL C 139 -0.48 9.26 -6.00
N GLY C 140 0.43 9.91 -6.74
CA GLY C 140 1.29 10.93 -6.18
C GLY C 140 1.12 12.26 -6.92
N ILE C 141 1.30 13.35 -6.18
CA ILE C 141 1.06 14.69 -6.72
C ILE C 141 2.15 15.62 -6.21
N SER C 142 2.80 16.35 -7.11
CA SER C 142 3.93 17.16 -6.69
C SER C 142 3.49 18.57 -6.31
N ASP C 143 4.49 19.38 -5.95
CA ASP C 143 4.30 20.69 -5.34
C ASP C 143 3.78 21.70 -6.35
N PHE C 144 2.89 22.59 -5.89
CA PHE C 144 2.51 23.76 -6.68
C PHE C 144 3.62 24.81 -6.69
N LEU C 145 4.53 24.75 -5.72
CA LEU C 145 5.50 25.81 -5.45
C LEU C 145 6.79 25.59 -6.25
N ASP C 146 6.80 26.05 -7.50
CA ASP C 146 7.90 25.85 -8.43
C ASP C 146 8.50 24.46 -8.24
N GLY C 147 7.64 23.45 -8.43
CA GLY C 147 7.98 22.10 -8.03
C GLY C 147 8.76 21.27 -9.07
N THR C 148 9.17 20.08 -8.60
CA THR C 148 9.84 19.02 -9.34
C THR C 148 8.99 17.75 -9.26
N PRO C 149 8.70 17.10 -10.41
CA PRO C 149 7.83 15.92 -10.40
C PRO C 149 8.46 14.72 -9.71
N ALA C 150 7.98 14.33 -8.53
CA ALA C 150 8.61 13.22 -7.82
C ALA C 150 8.05 11.87 -8.20
N PHE C 151 6.95 11.82 -8.95
CA PHE C 151 6.30 10.55 -9.23
C PHE C 151 6.32 10.24 -10.72
N GLY C 152 7.00 11.04 -11.52
CA GLY C 152 7.00 10.82 -12.96
C GLY C 152 5.86 11.48 -13.69
N GLU C 153 5.28 12.54 -13.11
CA GLU C 153 4.19 13.26 -13.77
C GLU C 153 4.73 14.05 -14.95
N LEU C 154 3.82 14.39 -15.85
CA LEU C 154 4.13 15.34 -16.91
C LEU C 154 3.73 16.74 -16.48
N SER C 155 4.43 17.72 -17.01
CA SER C 155 4.12 19.10 -16.69
C SER C 155 2.82 19.51 -17.39
N ALA C 156 1.86 20.03 -16.62
CA ALA C 156 0.62 20.53 -17.20
C ALA C 156 0.65 22.04 -17.42
N PHE C 157 0.94 22.80 -16.37
CA PHE C 157 1.14 24.23 -16.50
C PHE C 157 2.29 24.65 -15.60
N ARG C 158 3.09 25.57 -16.11
CA ARG C 158 4.17 26.16 -15.35
C ARG C 158 4.00 27.64 -15.54
N THR C 159 3.35 28.28 -14.60
CA THR C 159 3.04 29.70 -14.63
C THR C 159 4.30 30.54 -14.42
N SER C 160 4.29 31.74 -15.01
CA SER C 160 5.32 32.74 -14.75
C SER C 160 5.19 33.39 -13.37
N ARG C 161 3.96 33.56 -12.88
CA ARG C 161 3.66 34.36 -11.70
C ARG C 161 3.06 33.51 -10.60
N MET C 162 3.12 34.04 -9.38
CA MET C 162 2.36 33.49 -8.26
C MET C 162 1.63 34.62 -7.55
N HIS C 163 0.39 34.36 -7.18
CA HIS C 163 -0.44 35.36 -6.53
C HIS C 163 -0.31 35.24 -5.01
N TYR C 164 -0.16 36.40 -4.35
CA TYR C 164 -0.05 36.54 -2.90
C TYR C 164 -1.26 37.28 -2.37
N PRO C 165 -1.50 37.31 -1.05
CA PRO C 165 -2.68 38.01 -0.54
C PRO C 165 -2.77 39.47 -0.96
N HIS C 166 -1.64 40.18 -1.11
CA HIS C 166 -1.68 41.62 -1.39
C HIS C 166 -0.95 42.06 -2.66
N HIS C 167 -0.36 41.14 -3.43
CA HIS C 167 0.40 41.56 -4.61
C HIS C 167 0.52 40.39 -5.58
N VAL C 168 0.74 40.73 -6.85
CA VAL C 168 1.08 39.74 -7.89
C VAL C 168 2.60 39.59 -7.91
N GLN C 169 3.10 38.38 -7.67
CA GLN C 169 4.54 38.12 -7.60
C GLN C 169 5.10 37.65 -8.94
N GLU C 170 5.99 38.46 -9.54
CA GLU C 170 6.61 38.07 -10.79
C GLU C 170 7.80 37.14 -10.55
N GLY C 171 8.12 36.32 -11.56
CA GLY C 171 9.32 35.49 -11.51
C GLY C 171 9.29 34.35 -10.50
N LEU C 172 8.11 33.87 -10.14
CA LEU C 172 7.96 32.75 -9.21
C LEU C 172 6.95 31.77 -9.79
N PRO C 173 7.42 30.67 -10.41
CA PRO C 173 6.51 29.73 -11.08
C PRO C 173 5.54 29.01 -10.15
N THR C 174 4.29 28.86 -10.61
CA THR C 174 3.28 28.04 -9.96
C THR C 174 3.02 26.85 -10.88
N THR C 175 3.23 25.63 -10.37
CA THR C 175 3.26 24.44 -11.23
C THR C 175 2.05 23.53 -10.98
N MET C 176 1.49 22.99 -12.07
CA MET C 176 0.43 21.98 -12.06
C MET C 176 0.89 20.77 -12.86
N TRP C 177 0.38 19.58 -12.47
CA TRP C 177 0.88 18.32 -13.01
C TRP C 177 -0.23 17.45 -13.58
N LEU C 178 0.16 16.60 -14.53
CA LEU C 178 -0.67 15.53 -15.04
C LEU C 178 -0.23 14.23 -14.37
N THR C 179 -1.10 13.61 -13.56
CA THR C 179 -0.78 12.29 -13.02
C THR C 179 -1.69 11.24 -13.63
N ARG C 180 -1.13 10.05 -13.74
CA ARG C 180 -1.68 8.91 -14.45
C ARG C 180 -1.92 7.81 -13.41
N VAL C 181 -3.12 7.23 -13.38
CA VAL C 181 -3.41 6.14 -12.46
C VAL C 181 -4.04 4.99 -13.25
N GLY C 182 -3.43 3.81 -13.18
CA GLY C 182 -3.97 2.68 -13.89
C GLY C 182 -5.13 2.04 -13.15
N MET C 183 -6.04 1.46 -13.92
CA MET C 183 -7.14 0.64 -13.38
C MET C 183 -6.97 -0.76 -13.94
N PRO C 184 -6.27 -1.65 -13.22
CA PRO C 184 -5.94 -2.96 -13.80
C PRO C 184 -7.12 -3.90 -13.99
N ARG C 185 -8.18 -3.78 -13.18
CA ARG C 185 -9.24 -4.78 -13.14
C ARG C 185 -10.02 -4.83 -14.45
N HIS C 186 -10.32 -6.03 -14.91
CA HIS C 186 -11.14 -6.17 -16.09
C HIS C 186 -12.53 -6.26 -15.55
N GLY C 187 -13.18 -5.14 -15.42
CA GLY C 187 -14.49 -5.09 -14.80
C GLY C 187 -15.10 -3.73 -15.03
N VAL C 188 -16.38 -3.62 -14.67
CA VAL C 188 -17.14 -2.39 -14.87
C VAL C 188 -17.02 -1.51 -13.62
N ALA C 189 -16.52 -0.30 -13.79
CA ALA C 189 -16.29 0.64 -12.71
C ALA C 189 -17.40 1.69 -12.67
N ARG C 190 -17.86 2.01 -11.46
CA ARG C 190 -19.00 2.91 -11.26
C ARG C 190 -18.62 4.28 -10.71
N SER C 191 -17.60 4.34 -9.86
CA SER C 191 -17.30 5.59 -9.15
C SER C 191 -15.85 5.54 -8.67
N LEU C 192 -15.37 6.69 -8.20
CA LEU C 192 -14.02 6.85 -7.64
C LEU C 192 -14.13 7.61 -6.34
N ARG C 193 -13.14 7.38 -5.46
CA ARG C 193 -12.98 8.20 -4.25
C ARG C 193 -11.63 8.89 -4.28
N LEU C 194 -11.65 10.21 -4.21
CA LEU C 194 -10.44 11.00 -4.13
C LEU C 194 -9.79 10.83 -2.76
N PRO C 195 -8.50 11.15 -2.64
CA PRO C 195 -7.82 11.00 -1.34
C PRO C 195 -8.44 11.89 -0.26
N ARG C 196 -8.15 11.53 0.99
CA ARG C 196 -8.52 12.38 2.12
C ARG C 196 -7.28 13.16 2.56
N SER C 197 -7.01 14.28 1.87
CA SER C 197 -5.84 15.08 2.24
C SER C 197 -6.03 16.53 1.81
N VAL C 198 -6.05 17.45 2.78
CA VAL C 198 -6.20 18.86 2.52
C VAL C 198 -5.05 19.43 1.69
N ALA C 199 -3.94 18.69 1.58
CA ALA C 199 -2.82 19.16 0.77
C ALA C 199 -3.10 19.06 -0.73
N MET C 200 -3.95 18.15 -1.16
CA MET C 200 -4.08 17.84 -2.57
C MET C 200 -5.22 18.64 -3.21
N HIS C 201 -4.97 19.09 -4.45
CA HIS C 201 -5.92 19.88 -5.24
C HIS C 201 -6.10 19.22 -6.60
N VAL C 202 -7.34 19.02 -7.03
CA VAL C 202 -7.62 18.42 -8.33
C VAL C 202 -8.36 19.42 -9.20
N PHE C 203 -7.82 19.68 -10.39
CA PHE C 203 -8.37 20.72 -11.23
C PHE C 203 -9.21 20.18 -12.37
N ALA C 204 -8.92 18.96 -12.82
CA ALA C 204 -9.71 18.33 -13.86
C ALA C 204 -9.43 16.84 -13.81
N LEU C 205 -10.36 16.07 -14.37
CA LEU C 205 -10.35 14.61 -14.31
C LEU C 205 -10.87 14.04 -15.61
N THR C 206 -10.09 13.15 -16.24
CA THR C 206 -10.47 12.54 -17.51
C THR C 206 -10.12 11.06 -17.48
N LEU C 207 -11.04 10.22 -17.94
CA LEU C 207 -10.86 8.79 -17.94
C LEU C 207 -10.75 8.27 -19.36
N ARG C 208 -10.00 7.19 -19.51
CA ARG C 208 -9.69 6.61 -20.80
C ARG C 208 -10.19 5.16 -20.79
N THR C 209 -11.13 4.86 -21.68
CA THR C 209 -11.73 3.54 -21.77
C THR C 209 -10.71 2.52 -22.25
N ALA C 210 -10.94 1.26 -21.89
CA ALA C 210 -10.12 0.19 -22.41
C ALA C 210 -10.24 0.15 -23.93
N ALA C 211 -9.23 -0.44 -24.57
CA ALA C 211 -9.27 -0.61 -26.02
C ALA C 211 -8.45 -1.84 -26.36
N ALA C 212 -9.00 -2.69 -27.21
CA ALA C 212 -8.35 -3.95 -27.55
C ALA C 212 -7.02 -3.69 -28.28
N VAL C 213 -5.94 -4.21 -27.72
CA VAL C 213 -4.65 -4.13 -28.36
C VAL C 213 -4.15 -5.57 -28.53
N ARG C 214 -3.65 -5.87 -29.71
CA ARG C 214 -3.25 -7.23 -30.02
C ARG C 214 -1.99 -7.21 -30.87
N LEU C 215 -1.39 -8.38 -31.02
CA LEU C 215 -0.30 -8.63 -31.96
C LEU C 215 -0.66 -8.14 -33.36
N ALA C 216 0.32 -7.88 -34.22
CA ALA C 216 0.09 -7.15 -35.46
C ALA C 216 0.11 -8.02 -36.72
N GLU C 217 -0.50 -9.22 -36.66
CA GLU C 217 -0.85 -10.04 -37.85
C GLU C 217 0.20 -10.06 -38.96
N PRO D 6 29.54 30.00 -10.97
CA PRO D 6 29.18 31.07 -10.04
C PRO D 6 30.10 31.15 -8.81
N PRO D 7 30.18 32.34 -8.16
CA PRO D 7 31.08 32.49 -7.01
C PRO D 7 30.74 31.51 -5.88
N VAL D 8 29.51 31.61 -5.39
CA VAL D 8 28.89 30.61 -4.53
C VAL D 8 27.71 30.04 -5.30
N GLU D 9 27.37 28.79 -5.00
CA GLU D 9 26.38 28.08 -5.79
C GLU D 9 25.07 27.98 -5.00
N LEU D 10 23.95 28.25 -5.68
CA LEU D 10 22.62 28.11 -5.08
C LEU D 10 22.22 26.63 -5.02
N TRP D 11 21.57 26.25 -3.91
CA TRP D 11 21.24 24.85 -3.68
C TRP D 11 20.07 24.77 -2.71
N THR D 12 19.03 24.01 -3.08
CA THR D 12 17.89 23.73 -2.22
C THR D 12 17.04 22.63 -2.86
N ARG D 13 15.94 22.29 -2.19
CA ARG D 13 15.04 21.23 -2.62
C ARG D 13 13.63 21.63 -2.22
N ASP D 14 12.63 21.11 -2.97
CA ASP D 14 11.26 21.57 -2.72
C ASP D 14 10.79 21.26 -1.30
N LEU D 15 11.26 20.18 -0.69
CA LEU D 15 10.85 19.91 0.69
C LEU D 15 11.70 20.63 1.74
N GLY D 16 12.77 21.34 1.33
CA GLY D 16 13.70 21.92 2.27
C GLY D 16 13.52 23.43 2.51
N SER D 17 14.27 23.92 3.48
CA SER D 17 14.27 25.32 3.88
C SER D 17 15.68 25.91 3.72
N CYS D 18 15.81 27.17 4.17
CA CYS D 18 17.11 27.84 4.16
C CYS D 18 18.13 27.17 5.06
N LEU D 19 17.69 26.34 6.02
CA LEU D 19 18.63 25.63 6.88
C LEU D 19 19.57 24.76 6.04
N HIS D 20 19.02 23.78 5.33
CA HIS D 20 19.86 22.92 4.50
C HIS D 20 20.48 23.71 3.35
N GLY D 21 19.73 24.67 2.80
CA GLY D 21 20.21 25.38 1.62
C GLY D 21 21.50 26.13 1.87
N THR D 22 21.52 26.93 2.95
CA THR D 22 22.71 27.72 3.24
C THR D 22 23.88 26.83 3.63
N LEU D 23 23.61 25.78 4.42
CA LEU D 23 24.70 24.85 4.74
C LEU D 23 25.28 24.24 3.47
N ALA D 24 24.42 23.91 2.51
CA ALA D 24 24.86 23.28 1.27
C ALA D 24 25.74 24.21 0.45
N THR D 25 25.34 25.48 0.33
CA THR D 25 26.21 26.45 -0.31
C THR D 25 27.60 26.46 0.31
N ALA D 26 27.66 26.45 1.65
CA ALA D 26 28.93 26.38 2.35
C ALA D 26 29.68 25.11 2.01
N LEU D 27 28.97 23.97 2.01
CA LEU D 27 29.63 22.69 1.75
C LEU D 27 30.23 22.66 0.34
N ILE D 28 29.50 23.17 -0.64
CA ILE D 28 29.95 23.18 -2.04
C ILE D 28 31.19 24.07 -2.23
N ARG D 29 31.21 25.24 -1.60
CA ARG D 29 32.40 26.09 -1.66
C ARG D 29 33.64 25.35 -1.19
N ASP D 30 33.49 24.47 -0.20
CA ASP D 30 34.59 23.68 0.32
C ASP D 30 34.82 22.37 -0.45
N GLY D 31 33.99 22.07 -1.44
CA GLY D 31 34.20 20.88 -2.25
C GLY D 31 33.53 19.63 -1.75
N HIS D 32 32.52 19.73 -0.89
CA HIS D 32 31.81 18.57 -0.40
C HIS D 32 30.42 18.47 -1.05
N ASP D 33 29.92 17.24 -1.09
CA ASP D 33 28.68 16.91 -1.75
C ASP D 33 27.54 17.05 -0.73
N PRO D 34 26.65 18.06 -0.86
CA PRO D 34 25.62 18.25 0.17
C PRO D 34 24.73 17.03 0.36
N VAL D 35 24.45 16.31 -0.72
CA VAL D 35 23.57 15.15 -0.61
C VAL D 35 24.22 14.08 0.26
N THR D 36 25.53 13.88 0.10
CA THR D 36 26.22 12.92 0.96
C THR D 36 26.24 13.39 2.41
N VAL D 37 26.61 14.65 2.65
CA VAL D 37 26.81 15.13 4.02
C VAL D 37 25.46 15.33 4.72
N LEU D 38 24.52 16.03 4.09
CA LEU D 38 23.29 16.34 4.81
C LEU D 38 22.21 15.31 4.56
N GLY D 39 22.43 14.34 3.67
CA GLY D 39 21.44 13.33 3.37
C GLY D 39 21.69 12.00 4.04
N ALA D 40 22.92 11.77 4.50
CA ALA D 40 23.22 10.53 5.21
C ALA D 40 22.45 10.37 6.52
N PRO D 41 22.31 11.38 7.39
CA PRO D 41 21.57 11.15 8.64
C PRO D 41 20.05 11.23 8.43
N TRP D 42 19.34 10.53 9.30
CA TRP D 42 17.87 10.50 9.24
C TRP D 42 17.32 10.17 10.61
N GLU D 43 16.58 11.09 11.22
CA GLU D 43 16.12 10.88 12.59
C GLU D 43 14.85 11.68 12.86
N PHE D 44 14.23 11.39 14.00
CA PHE D 44 13.19 12.23 14.58
C PHE D 44 13.49 12.49 16.05
N ARG D 45 13.53 13.77 16.43
CA ARG D 45 13.57 14.12 17.85
C ARG D 45 12.76 15.38 18.11
N ARG D 46 12.14 15.43 19.29
CA ARG D 46 11.52 16.66 19.80
C ARG D 46 11.80 16.77 21.29
N ARG D 47 12.41 17.89 21.68
CA ARG D 47 12.53 18.23 23.09
C ARG D 47 11.45 19.26 23.41
N PRO D 48 10.51 18.92 24.29
CA PRO D 48 9.48 19.89 24.66
C PRO D 48 10.12 21.16 25.20
N GLY D 49 9.75 22.30 24.58
CA GLY D 49 10.19 23.60 25.03
C GLY D 49 11.38 24.17 24.30
N ALA D 50 12.09 23.34 23.51
CA ALA D 50 13.30 23.78 22.80
C ALA D 50 12.99 24.63 21.57
N TRP D 51 11.83 24.42 20.94
CA TRP D 51 11.57 25.00 19.63
C TRP D 51 11.51 26.53 19.68
N SER D 52 11.96 27.15 18.60
CA SER D 52 11.90 28.58 18.37
C SER D 52 11.03 28.85 17.15
N SER D 53 10.52 30.08 17.03
CA SER D 53 9.69 30.43 15.87
C SER D 53 10.57 30.95 14.74
N GLU D 54 11.36 30.02 14.18
CA GLU D 54 12.30 30.31 13.11
C GLU D 54 12.20 29.26 12.02
N GLU D 55 12.42 29.68 10.77
CA GLU D 55 12.41 28.73 9.65
C GLU D 55 13.46 27.65 9.83
N TYR D 56 14.57 27.97 10.50
CA TYR D 56 15.73 27.10 10.59
C TYR D 56 15.86 26.42 11.95
N PHE D 57 14.76 26.23 12.65
CA PHE D 57 14.87 25.51 13.92
C PHE D 57 15.11 24.02 13.67
N PHE D 58 16.06 23.45 14.41
CA PHE D 58 16.38 22.03 14.38
C PHE D 58 16.96 21.68 15.75
N PHE D 59 16.47 20.63 16.37
CA PHE D 59 16.98 20.24 17.68
C PHE D 59 18.32 19.56 17.48
N ALA D 60 19.40 20.22 17.92
CA ALA D 60 20.76 19.74 17.67
C ALA D 60 21.49 19.21 18.91
N GLU D 61 21.02 19.53 20.11
CA GLU D 61 21.76 19.18 21.32
C GLU D 61 21.95 17.66 21.40
N PRO D 62 23.13 17.19 21.82
CA PRO D 62 24.29 17.94 22.32
C PRO D 62 25.28 18.40 21.27
N ASP D 63 25.02 18.14 19.99
CA ASP D 63 25.86 18.59 18.90
C ASP D 63 25.55 20.05 18.52
N SER D 64 26.38 20.64 17.68
CA SER D 64 26.01 21.95 17.14
C SER D 64 25.01 21.76 16.00
N LEU D 65 24.42 22.88 15.55
CA LEU D 65 23.35 22.80 14.56
C LEU D 65 23.85 22.16 13.26
N ALA D 66 25.00 22.62 12.75
CA ALA D 66 25.61 21.93 11.61
C ALA D 66 25.98 20.50 11.99
N GLY D 67 26.55 20.32 13.19
CA GLY D 67 27.02 19.01 13.59
C GLY D 67 25.93 17.97 13.61
N ARG D 68 24.74 18.35 14.10
CA ARG D 68 23.64 17.40 14.12
C ARG D 68 23.10 17.15 12.72
N LEU D 69 23.08 18.18 11.87
CA LEU D 69 22.60 17.99 10.50
C LEU D 69 23.59 17.19 9.66
N ALA D 70 24.86 17.15 10.06
CA ALA D 70 25.89 16.36 9.41
C ALA D 70 26.40 15.32 10.40
N LEU D 71 25.46 14.59 11.00
CA LEU D 71 25.71 13.57 12.00
C LEU D 71 26.97 12.72 11.76
N TYR D 72 27.22 12.32 10.51
CA TYR D 72 28.31 11.38 10.23
C TYR D 72 29.56 12.06 9.69
N HIS D 73 29.69 13.39 9.82
CA HIS D 73 30.79 14.12 9.19
C HIS D 73 31.41 15.13 10.16
N PRO D 74 32.71 15.46 9.96
CA PRO D 74 33.37 16.44 10.84
C PRO D 74 32.96 17.87 10.55
N PHE D 75 31.67 18.11 10.47
CA PHE D 75 31.13 19.41 10.07
C PHE D 75 30.46 20.01 11.29
N GLU D 76 30.91 21.18 11.70
CA GLU D 76 30.35 21.79 12.89
C GLU D 76 30.16 23.28 12.65
N SER D 77 29.38 23.89 13.53
CA SER D 77 29.00 25.28 13.40
C SER D 77 29.06 25.96 14.75
N THR D 78 29.13 27.28 14.69
CA THR D 78 29.11 28.09 15.89
C THR D 78 28.31 29.35 15.61
N TRP D 79 27.50 29.75 16.59
CA TRP D 79 26.67 30.95 16.51
C TRP D 79 27.41 32.16 17.07
N HIS D 80 27.37 33.26 16.34
CA HIS D 80 28.02 34.50 16.75
C HIS D 80 26.99 35.62 16.79
N ARG D 81 27.14 36.52 17.75
CA ARG D 81 26.31 37.72 17.85
C ARG D 81 27.21 38.93 17.72
N SER D 82 26.92 39.77 16.74
CA SER D 82 27.75 40.93 16.42
C SER D 82 27.11 42.17 17.06
N ASP D 83 27.80 42.78 18.01
CA ASP D 83 27.34 44.07 18.48
C ASP D 83 27.98 45.18 17.66
N GLY D 84 27.54 46.40 17.89
CA GLY D 84 27.87 47.48 16.97
C GLY D 84 26.77 47.67 15.96
N ASP D 85 27.03 48.57 15.01
CA ASP D 85 26.00 48.97 14.05
C ASP D 85 26.40 48.80 12.59
N GLY D 86 27.61 48.33 12.31
CA GLY D 86 28.00 48.10 10.93
C GLY D 86 28.07 46.65 10.49
N VAL D 87 28.91 46.37 9.51
CA VAL D 87 29.06 45.02 8.99
C VAL D 87 30.51 44.66 8.92
N ASP D 88 31.29 45.07 9.91
CA ASP D 88 32.73 44.85 9.87
C ASP D 88 33.12 43.45 10.27
N ASP D 89 32.42 42.89 11.24
CA ASP D 89 32.75 41.57 11.70
C ASP D 89 32.62 40.60 10.54
N LEU D 90 31.62 40.82 9.70
CA LEU D 90 31.41 39.92 8.59
C LEU D 90 32.45 40.16 7.55
N ARG D 91 32.92 41.39 7.48
CA ARG D 91 33.97 41.69 6.53
C ARG D 91 35.22 40.96 6.96
N GLU D 92 35.39 40.82 8.26
CA GLU D 92 36.55 40.11 8.78
C GLU D 92 36.49 38.65 8.45
N ALA D 93 35.32 38.07 8.62
CA ALA D 93 35.15 36.66 8.37
C ALA D 93 35.44 36.33 6.94
N LEU D 94 35.03 37.20 6.05
CA LEU D 94 35.22 36.94 4.64
C LEU D 94 36.68 36.90 4.37
N ALA D 95 37.40 37.81 4.99
CA ALA D 95 38.83 37.87 4.81
C ALA D 95 39.48 36.62 5.35
N ALA D 96 38.91 36.07 6.39
CA ALA D 96 39.42 34.84 6.94
C ALA D 96 39.03 33.66 6.06
N GLY D 97 38.20 33.91 5.07
CA GLY D 97 37.76 32.84 4.19
C GLY D 97 36.47 32.17 4.60
N VAL D 98 35.79 32.72 5.58
CA VAL D 98 34.52 32.17 6.00
C VAL D 98 33.40 32.69 5.15
N LEU D 99 32.40 31.85 4.88
CA LEU D 99 31.24 32.34 4.17
C LEU D 99 30.20 32.49 5.21
N PRO D 100 29.96 33.71 5.64
CA PRO D 100 29.03 33.88 6.74
C PRO D 100 27.58 33.62 6.34
N ILE D 101 26.82 33.00 7.23
CA ILE D 101 25.42 32.77 7.00
C ILE D 101 24.70 33.61 8.01
N ALA D 102 23.86 34.51 7.55
CA ALA D 102 23.24 35.44 8.46
C ALA D 102 21.78 35.25 8.73
N ALA D 103 21.36 35.67 9.90
CA ALA D 103 19.96 35.59 10.25
C ALA D 103 19.30 36.88 9.82
N VAL D 104 18.19 36.77 9.11
CA VAL D 104 17.55 37.95 8.58
C VAL D 104 16.04 37.90 8.62
N ASP D 105 15.38 39.04 8.40
CA ASP D 105 13.93 39.09 8.33
C ASP D 105 13.58 39.42 6.90
N ASN D 106 12.71 38.65 6.30
CA ASN D 106 12.37 38.84 4.92
C ASN D 106 11.59 40.12 4.70
N PHE D 107 11.00 40.63 5.77
CA PHE D 107 10.23 41.85 5.69
C PHE D 107 11.09 42.98 5.21
N HIS D 108 12.39 42.84 5.44
CA HIS D 108 13.29 43.91 5.08
C HIS D 108 14.19 43.53 3.92
N LEU D 109 13.94 42.39 3.34
CA LEU D 109 14.69 41.97 2.17
C LEU D 109 13.89 42.29 0.93
N PRO D 110 14.41 43.15 0.08
CA PRO D 110 13.68 43.59 -1.11
C PRO D 110 13.44 42.56 -2.21
N PHE D 111 14.21 41.49 -2.24
CA PHE D 111 14.07 40.48 -3.26
C PHE D 111 13.16 39.37 -2.82
N ARG D 112 12.67 39.48 -1.60
CA ARG D 112 11.78 38.47 -1.09
C ARG D 112 10.36 38.93 -1.20
N PRO D 113 9.46 38.00 -1.50
CA PRO D 113 8.05 38.35 -1.67
C PRO D 113 7.39 38.88 -0.41
N ALA D 114 8.06 38.78 0.72
CA ALA D 114 7.47 39.22 1.98
C ALA D 114 7.87 40.63 2.30
N PHE D 115 8.56 41.26 1.39
CA PHE D 115 9.04 42.60 1.64
C PHE D 115 7.93 43.48 2.08
N HIS D 116 8.07 44.05 3.26
CA HIS D 116 7.10 45.00 3.76
C HIS D 116 5.69 44.46 3.77
N ASP D 117 5.53 43.18 4.02
CA ASP D 117 4.21 42.60 4.12
C ASP D 117 4.18 41.60 5.24
N VAL D 118 5.15 40.70 5.28
CA VAL D 118 5.17 39.66 6.30
C VAL D 118 6.52 39.48 6.94
N HIS D 119 6.56 39.36 8.27
CA HIS D 119 7.80 39.16 8.98
C HIS D 119 8.12 37.69 9.14
N ALA D 120 9.38 37.31 8.92
CA ALA D 120 9.80 35.92 9.09
C ALA D 120 11.29 35.70 9.27
N ALA D 121 11.66 34.74 10.11
CA ALA D 121 13.07 34.44 10.37
C ALA D 121 13.68 33.59 9.28
N HIS D 122 14.78 34.05 8.72
CA HIS D 122 15.35 33.38 7.57
C HIS D 122 16.85 33.40 7.61
N LEU D 123 17.48 32.64 6.74
CA LEU D 123 18.92 32.59 6.69
C LEU D 123 19.39 32.81 5.27
N LEU D 124 20.51 33.49 5.12
CA LEU D 124 21.07 33.72 3.81
C LEU D 124 22.58 33.68 3.87
N VAL D 125 23.22 33.66 2.72
CA VAL D 125 24.67 33.64 2.67
C VAL D 125 25.22 34.97 2.25
N VAL D 126 26.26 35.43 2.94
CA VAL D 126 26.91 36.68 2.58
C VAL D 126 28.25 36.33 1.97
N TYR D 127 28.50 36.80 0.76
CA TYR D 127 29.73 36.44 0.07
C TYR D 127 30.62 37.59 -0.39
N ARG D 128 30.11 38.81 -0.39
CA ARG D 128 30.91 39.96 -0.78
C ARG D 128 30.36 41.21 -0.15
N ILE D 129 31.25 42.05 0.34
CA ILE D 129 30.82 43.28 0.97
C ILE D 129 31.63 44.48 0.51
N THR D 130 30.97 45.42 -0.15
CA THR D 130 31.63 46.65 -0.53
C THR D 130 31.29 47.66 0.53
N GLU D 131 31.59 48.91 0.28
CA GLU D 131 31.33 49.95 1.26
C GLU D 131 29.90 50.39 1.20
N THR D 132 29.26 50.15 0.07
CA THR D 132 27.89 50.57 -0.10
C THR D 132 26.90 49.43 -0.15
N GLU D 133 27.33 48.25 -0.59
CA GLU D 133 26.39 47.15 -0.75
C GLU D 133 26.86 45.79 -0.28
N VAL D 134 25.93 44.96 0.16
CA VAL D 134 26.27 43.61 0.57
C VAL D 134 25.73 42.62 -0.42
N TYR D 135 26.57 41.71 -0.88
CA TYR D 135 26.15 40.73 -1.84
C TYR D 135 25.63 39.49 -1.13
N VAL D 136 24.49 38.98 -1.58
CA VAL D 136 23.87 37.86 -0.90
C VAL D 136 23.36 36.76 -1.81
N SER D 137 23.13 35.58 -1.24
CA SER D 137 22.63 34.45 -2.01
C SER D 137 21.52 33.74 -1.26
N ASP D 138 20.34 33.65 -1.86
CA ASP D 138 19.22 32.95 -1.25
C ASP D 138 18.57 32.11 -2.30
N ALA D 139 18.57 30.82 -2.10
CA ALA D 139 18.04 29.90 -3.09
C ALA D 139 16.58 29.59 -2.88
N GLN D 140 16.05 29.99 -1.74
CA GLN D 140 14.67 29.73 -1.46
C GLN D 140 13.89 30.50 -2.47
N PRO D 141 12.87 29.86 -3.04
CA PRO D 141 12.13 30.52 -4.11
C PRO D 141 11.36 31.73 -3.63
N PRO D 142 11.46 32.86 -4.34
CA PRO D 142 12.13 33.17 -5.61
C PRO D 142 13.62 33.39 -5.44
N ALA D 143 14.47 32.60 -6.08
CA ALA D 143 15.92 32.66 -5.86
C ALA D 143 16.65 33.95 -6.24
N PHE D 144 17.64 34.30 -5.45
CA PHE D 144 18.39 35.52 -5.71
C PHE D 144 19.85 35.43 -5.31
N GLN D 145 20.72 36.00 -6.11
CA GLN D 145 22.13 36.04 -5.79
C GLN D 145 22.66 37.34 -6.32
N GLY D 146 22.90 38.28 -5.42
CA GLY D 146 23.38 39.57 -5.84
C GLY D 146 23.58 40.61 -4.79
N ALA D 147 23.73 41.86 -5.22
CA ALA D 147 23.97 42.93 -4.29
C ALA D 147 22.73 43.60 -3.80
N ILE D 148 22.76 44.02 -2.55
CA ILE D 148 21.63 44.67 -1.96
C ILE D 148 22.19 45.87 -1.24
N PRO D 149 21.42 46.95 -1.16
CA PRO D 149 21.85 48.10 -0.40
C PRO D 149 22.21 47.76 1.02
N LEU D 150 23.24 48.40 1.56
CA LEU D 150 23.70 48.11 2.91
C LEU D 150 22.66 48.36 3.97
N ALA D 151 21.92 49.43 3.83
CA ALA D 151 20.93 49.77 4.82
C ALA D 151 19.84 48.73 4.85
N ASP D 152 19.51 48.20 3.70
CA ASP D 152 18.49 47.18 3.65
C ASP D 152 18.96 45.98 4.45
N PHE D 153 20.21 45.60 4.29
CA PHE D 153 20.74 44.46 5.00
C PHE D 153 20.72 44.66 6.48
N LEU D 154 21.16 45.83 6.91
CA LEU D 154 21.24 46.08 8.32
C LEU D 154 19.89 45.97 8.93
N ALA D 155 18.91 46.44 8.21
CA ALA D 155 17.57 46.40 8.73
C ALA D 155 17.12 44.98 8.90
N SER D 156 17.49 44.15 7.94
CA SER D 156 17.07 42.77 7.99
C SER D 156 17.85 42.02 9.02
N TRP D 157 19.07 42.45 9.29
CA TRP D 157 19.92 41.74 10.22
C TRP D 157 19.65 42.14 11.66
N GLY D 158 19.05 43.29 11.87
CA GLY D 158 18.79 43.75 13.21
C GLY D 158 17.32 43.84 13.58
N SER D 159 16.47 43.15 12.85
CA SER D 159 15.04 43.26 13.09
C SER D 159 14.61 42.64 14.39
N LEU D 160 13.44 43.05 14.86
CA LEU D 160 12.91 42.50 16.08
C LEU D 160 11.90 41.45 15.72
N ASN D 161 11.72 41.20 14.43
CA ASN D 161 10.76 40.22 13.97
C ASN D 161 9.55 40.30 14.86
N PRO D 162 8.90 41.44 14.84
CA PRO D 162 7.75 41.62 15.70
C PRO D 162 6.74 40.53 15.44
N PRO D 163 5.98 40.17 16.47
CA PRO D 163 4.93 39.19 16.26
C PRO D 163 4.02 39.61 15.14
N ASP D 164 3.54 38.66 14.34
CA ASP D 164 2.72 38.98 13.18
C ASP D 164 1.53 38.06 13.12
N ASP D 165 0.39 38.59 12.72
CA ASP D 165 -0.80 37.79 12.60
C ASP D 165 -0.72 37.01 11.33
N ALA D 166 0.29 37.31 10.53
CA ALA D 166 0.44 36.64 9.25
C ALA D 166 1.46 35.52 9.31
N ASP D 167 2.38 35.56 10.27
CA ASP D 167 3.34 34.49 10.42
C ASP D 167 3.30 33.99 11.82
N VAL D 168 2.29 33.18 12.12
CA VAL D 168 2.15 32.63 13.45
C VAL D 168 3.18 31.55 13.66
N PHE D 169 4.03 31.33 12.66
CA PHE D 169 5.01 30.26 12.76
C PHE D 169 6.45 30.74 12.85
N PHE D 170 6.83 31.75 12.07
CA PHE D 170 8.23 32.16 12.04
C PHE D 170 8.42 33.63 12.39
N SER D 171 7.56 34.16 13.25
CA SER D 171 7.70 35.52 13.71
C SER D 171 7.94 35.53 15.19
N ALA D 172 8.12 36.70 15.78
CA ALA D 172 8.33 36.81 17.22
C ALA D 172 9.65 36.20 17.60
N SER D 173 10.68 36.50 16.82
CA SER D 173 12.00 35.97 17.09
C SER D 173 13.00 36.93 16.52
N PRO D 174 13.45 37.88 17.35
CA PRO D 174 14.37 38.90 16.87
C PRO D 174 15.60 38.33 16.20
N SER D 175 16.04 38.95 15.13
CA SER D 175 17.18 38.45 14.38
C SER D 175 18.44 38.56 15.20
N GLY D 176 18.65 39.69 15.85
CA GLY D 176 19.78 39.85 16.75
C GLY D 176 21.16 39.99 16.15
N ARG D 177 21.22 40.26 14.87
CA ARG D 177 22.50 40.34 14.20
C ARG D 177 23.32 39.08 14.44
N ARG D 178 22.65 37.93 14.57
CA ARG D 178 23.39 36.68 14.66
C ARG D 178 23.83 36.18 13.29
N TRP D 179 24.93 35.44 13.27
CA TRP D 179 25.34 34.73 12.07
C TRP D 179 25.97 33.39 12.44
N LEU D 180 26.06 32.52 11.43
CA LEU D 180 26.48 31.14 11.60
C LEU D 180 27.83 30.93 10.92
N ARG D 181 28.78 30.33 11.64
CA ARG D 181 30.09 30.01 11.11
C ARG D 181 30.27 28.49 11.01
N THR D 182 30.71 28.00 9.85
CA THR D 182 30.78 26.57 9.57
C THR D 182 32.19 26.15 9.18
N ARG D 183 32.56 24.92 9.56
CA ARG D 183 33.88 24.39 9.25
C ARG D 183 33.82 22.86 9.17
N MET D 184 34.61 22.30 8.24
CA MET D 184 34.86 20.86 8.10
C MET D 184 36.18 20.60 8.82
N THR D 185 36.12 20.03 10.01
CA THR D 185 37.28 19.95 10.91
C THR D 185 37.97 18.60 10.77
N GLY D 186 38.47 18.31 9.58
CA GLY D 186 39.19 17.08 9.36
C GLY D 186 38.65 16.29 8.18
N PRO D 187 39.34 15.21 7.84
CA PRO D 187 39.01 14.46 6.61
C PRO D 187 37.62 13.84 6.68
N VAL D 188 36.92 13.88 5.55
CA VAL D 188 35.59 13.30 5.48
C VAL D 188 35.75 11.80 5.32
N PRO D 189 34.81 10.99 5.81
CA PRO D 189 34.92 9.54 5.59
C PRO D 189 34.76 9.17 4.13
N GLU D 190 35.43 8.09 3.73
CA GLU D 190 35.20 7.52 2.41
C GLU D 190 33.78 6.97 2.32
N PRO D 191 32.94 7.44 1.40
CA PRO D 191 31.56 6.95 1.32
C PRO D 191 31.41 5.60 0.60
N ASP D 192 32.19 4.61 1.02
CA ASP D 192 32.12 3.30 0.40
C ASP D 192 30.91 2.52 0.92
N ARG D 193 30.80 1.25 0.49
CA ARG D 193 29.67 0.42 0.87
C ARG D 193 29.63 0.09 2.36
N HIS D 194 30.79 -0.08 3.00
CA HIS D 194 30.80 -0.27 4.45
C HIS D 194 30.22 0.95 5.15
N TRP D 195 30.62 2.13 4.70
CA TRP D 195 30.12 3.35 5.33
C TRP D 195 28.61 3.48 5.14
N VAL D 196 28.13 3.29 3.91
CA VAL D 196 26.68 3.36 3.67
C VAL D 196 25.97 2.30 4.50
N GLY D 197 26.52 1.10 4.57
CA GLY D 197 25.94 0.09 5.43
C GLY D 197 25.83 0.56 6.87
N ARG D 198 26.93 1.11 7.41
CA ARG D 198 26.96 1.60 8.78
C ARG D 198 25.92 2.71 9.00
N VAL D 199 25.87 3.70 8.10
CA VAL D 199 24.96 4.82 8.21
C VAL D 199 23.52 4.32 8.34
N ILE D 200 23.15 3.38 7.47
CA ILE D 200 21.77 2.91 7.45
C ILE D 200 21.45 2.20 8.75
N ARG D 201 22.35 1.30 9.18
CA ARG D 201 22.11 0.53 10.40
C ARG D 201 22.05 1.43 11.61
N GLU D 202 22.90 2.46 11.66
CA GLU D 202 22.86 3.39 12.78
C GLU D 202 21.56 4.20 12.80
N ASN D 203 21.09 4.65 11.63
CA ASN D 203 19.81 5.36 11.56
C ASN D 203 18.68 4.47 12.07
N VAL D 204 18.68 3.20 11.64
CA VAL D 204 17.59 2.30 12.01
C VAL D 204 17.65 1.99 13.49
N ALA D 205 18.85 1.71 14.00
CA ALA D 205 18.96 1.44 15.42
C ALA D 205 18.47 2.64 16.24
N ARG D 206 18.86 3.85 15.85
CA ARG D 206 18.43 5.04 16.56
C ARG D 206 16.92 5.21 16.48
N TYR D 207 16.31 4.90 15.32
CA TYR D 207 14.86 5.04 15.19
C TYR D 207 14.12 4.07 16.12
N ARG D 208 14.59 2.83 16.20
CA ARG D 208 13.87 1.79 16.95
C ARG D 208 14.09 1.87 18.45
N GLN D 209 15.11 2.56 18.92
CA GLN D 209 15.48 2.40 20.31
C GLN D 209 14.65 3.31 21.23
N GLU D 210 14.64 2.94 22.52
CA GLU D 210 13.78 3.59 23.49
C GLU D 210 14.26 5.00 23.77
N PRO D 211 13.37 6.00 23.73
CA PRO D 211 13.79 7.39 23.94
C PRO D 211 14.25 7.65 25.37
N PRO D 212 15.04 8.70 25.60
CA PRO D 212 15.34 9.13 26.96
C PRO D 212 14.14 9.73 27.68
N ALA D 213 14.33 10.05 28.95
CA ALA D 213 13.25 10.65 29.74
C ALA D 213 12.85 12.01 29.20
N ASP D 214 13.82 12.82 28.79
CA ASP D 214 13.61 14.23 28.51
C ASP D 214 13.31 14.55 27.05
N THR D 215 13.38 13.59 26.14
CA THR D 215 13.29 13.86 24.71
C THR D 215 12.51 12.75 24.02
N GLN D 216 11.64 13.14 23.08
CA GLN D 216 10.91 12.17 22.27
C GLN D 216 11.74 11.89 21.03
N THR D 217 12.10 10.64 20.81
CA THR D 217 13.06 10.31 19.76
C THR D 217 12.63 9.05 19.04
N GLY D 218 12.91 9.01 17.74
CA GLY D 218 12.75 7.76 17.02
C GLY D 218 11.28 7.39 16.89
N LEU D 219 11.06 6.14 16.44
CA LEU D 219 9.69 5.67 16.24
C LEU D 219 8.84 5.70 17.52
N PRO D 220 9.29 5.20 18.68
CA PRO D 220 8.46 5.37 19.88
C PRO D 220 8.24 6.82 20.23
N GLY D 221 9.24 7.68 20.04
CA GLY D 221 9.07 9.10 20.31
C GLY D 221 8.00 9.72 19.44
N LEU D 222 8.00 9.40 18.15
CA LEU D 222 7.04 9.97 17.23
C LEU D 222 5.62 9.52 17.55
N ARG D 223 5.44 8.23 17.84
CA ARG D 223 4.12 7.74 18.24
C ARG D 223 3.57 8.58 19.38
N ARG D 224 4.38 8.75 20.44
CA ARG D 224 3.92 9.50 21.61
C ARG D 224 3.66 10.95 21.27
N TYR D 225 4.54 11.57 20.49
CA TYR D 225 4.32 12.95 20.12
C TYR D 225 3.00 13.11 19.38
N LEU D 226 2.71 12.21 18.46
CA LEU D 226 1.47 12.35 17.70
C LEU D 226 0.26 12.05 18.58
N ASP D 227 0.38 11.10 19.51
CA ASP D 227 -0.74 10.81 20.42
C ASP D 227 -1.08 12.06 21.24
N GLU D 228 -0.06 12.76 21.73
CA GLU D 228 -0.27 14.01 22.46
C GLU D 228 -0.97 15.02 21.60
N LEU D 229 -0.55 15.15 20.33
CA LEU D 229 -1.15 16.14 19.45
C LEU D 229 -2.63 15.86 19.24
N CYS D 230 -2.97 14.60 18.95
CA CYS D 230 -4.35 14.25 18.69
C CYS D 230 -5.23 14.35 19.94
N ALA D 231 -4.62 14.32 21.12
CA ALA D 231 -5.38 14.40 22.36
C ALA D 231 -5.71 15.82 22.76
N LEU D 232 -5.03 16.81 22.20
CA LEU D 232 -5.36 18.19 22.53
C LEU D 232 -6.72 18.55 21.95
N THR D 233 -7.49 19.34 22.72
CA THR D 233 -8.83 19.78 22.33
C THR D 233 -8.71 20.94 21.35
N PRO D 234 -9.14 20.78 20.09
CA PRO D 234 -8.92 21.84 19.11
C PRO D 234 -9.68 23.09 19.50
N GLY D 235 -9.08 24.25 19.21
CA GLY D 235 -9.58 25.52 19.65
C GLY D 235 -8.92 26.06 20.90
N THR D 236 -8.48 25.19 21.82
CA THR D 236 -7.86 25.64 23.06
C THR D 236 -6.54 26.39 22.79
N ASN D 237 -6.11 27.12 23.82
CA ASN D 237 -4.84 27.83 23.72
C ASN D 237 -3.67 26.86 23.60
N ALA D 238 -3.71 25.76 24.36
CA ALA D 238 -2.68 24.73 24.27
C ALA D 238 -2.59 24.14 22.86
N ALA D 239 -3.74 23.81 22.27
CA ALA D 239 -3.76 23.23 20.93
C ALA D 239 -3.17 24.21 19.92
N SER D 240 -3.44 25.50 20.10
CA SER D 240 -2.90 26.49 19.19
C SER D 240 -1.37 26.51 19.24
N GLU D 241 -0.82 26.61 20.45
CA GLU D 241 0.63 26.59 20.61
C GLU D 241 1.23 25.29 20.08
N ALA D 242 0.56 24.16 20.33
CA ALA D 242 1.08 22.87 19.90
C ALA D 242 1.16 22.77 18.38
N LEU D 243 0.19 23.35 17.69
CA LEU D 243 0.14 23.28 16.22
C LEU D 243 1.18 24.21 15.60
N SER D 244 1.42 25.38 16.19
CA SER D 244 2.51 26.21 15.70
C SER D 244 3.83 25.46 15.79
N GLU D 245 4.06 24.78 16.92
CA GLU D 245 5.28 23.99 17.06
C GLU D 245 5.35 22.91 15.99
N LEU D 246 4.24 22.21 15.75
CA LEU D 246 4.27 21.09 14.80
C LEU D 246 4.71 21.57 13.43
N TYR D 247 4.14 22.67 12.95
CA TYR D 247 4.52 23.15 11.62
C TYR D 247 6.00 23.53 11.59
N VAL D 248 6.49 24.19 12.65
CA VAL D 248 7.87 24.66 12.65
C VAL D 248 8.85 23.50 12.74
N ILE D 249 8.75 22.66 13.77
CA ILE D 249 9.81 21.65 13.96
C ILE D 249 9.77 20.64 12.82
N SER D 250 8.60 20.35 12.26
CA SER D 250 8.54 19.33 11.23
C SER D 250 9.06 19.80 9.86
N TRP D 251 9.25 21.09 9.63
CA TRP D 251 9.76 21.50 8.31
C TRP D 251 11.11 20.83 8.02
N ASN D 252 12.05 20.97 8.93
CA ASN D 252 13.36 20.41 8.62
C ASN D 252 13.45 18.91 8.90
N ILE D 253 12.58 18.37 9.76
CA ILE D 253 12.46 16.91 9.87
C ILE D 253 11.98 16.31 8.55
N GLN D 254 10.95 16.92 7.94
CA GLN D 254 10.50 16.47 6.63
C GLN D 254 11.59 16.66 5.58
N ALA D 255 12.26 17.83 5.61
CA ALA D 255 13.33 18.11 4.66
C ALA D 255 14.42 17.04 4.74
N GLN D 256 14.83 16.66 5.95
CA GLN D 256 15.82 15.61 6.10
C GLN D 256 15.33 14.30 5.50
N SER D 257 14.05 13.99 5.67
CA SER D 257 13.53 12.77 5.06
C SER D 257 13.67 12.78 3.54
N GLY D 258 13.38 13.93 2.90
CA GLY D 258 13.56 14.03 1.47
C GLY D 258 14.99 13.83 1.02
N LEU D 259 15.94 14.42 1.75
CA LEU D 259 17.35 14.30 1.39
C LEU D 259 17.82 12.86 1.54
N HIS D 260 17.41 12.19 2.62
CA HIS D 260 17.89 10.83 2.84
C HIS D 260 17.42 9.92 1.72
N ALA D 261 16.18 10.13 1.25
CA ALA D 261 15.68 9.37 0.10
C ALA D 261 16.54 9.62 -1.14
N GLU D 262 16.89 10.90 -1.36
CA GLU D 262 17.79 11.25 -2.46
C GLU D 262 19.16 10.61 -2.28
N PHE D 263 19.71 10.67 -1.07
CA PHE D 263 20.95 9.96 -0.74
C PHE D 263 20.85 8.48 -1.13
N LEU D 264 19.80 7.79 -0.68
CA LEU D 264 19.66 6.38 -0.99
C LEU D 264 19.47 6.16 -2.50
N ARG D 265 18.73 7.05 -3.16
CA ARG D 265 18.54 6.94 -4.60
C ARG D 265 19.88 6.96 -5.32
N ALA D 266 20.73 7.94 -5.00
CA ALA D 266 21.98 8.16 -5.74
C ALA D 266 22.94 6.99 -5.58
N HIS D 267 22.98 6.40 -4.39
CA HIS D 267 23.84 5.23 -4.17
C HIS D 267 23.26 3.97 -4.78
N SER D 268 21.95 3.94 -4.97
CA SER D 268 21.34 2.84 -5.69
C SER D 268 21.80 2.84 -7.14
N VAL D 269 21.82 4.02 -7.78
CA VAL D 269 22.31 4.13 -9.15
C VAL D 269 23.82 3.84 -9.20
N LYS D 270 24.57 4.39 -8.24
CA LYS D 270 26.02 4.28 -8.24
C LYS D 270 26.46 2.84 -8.26
N TRP D 271 25.81 1.98 -7.48
CA TRP D 271 26.23 0.60 -7.33
C TRP D 271 25.26 -0.39 -7.95
N ARG D 272 24.14 0.10 -8.50
CA ARG D 272 23.07 -0.75 -9.07
C ARG D 272 22.58 -1.79 -8.05
N ILE D 273 22.23 -1.31 -6.87
CA ILE D 273 21.58 -2.10 -5.83
C ILE D 273 20.12 -1.71 -5.78
N PRO D 274 19.19 -2.55 -6.25
CA PRO D 274 17.78 -2.18 -6.20
C PRO D 274 17.21 -2.09 -4.79
N GLU D 275 17.83 -2.74 -3.81
CA GLU D 275 17.33 -2.65 -2.43
C GLU D 275 17.44 -1.22 -1.91
N LEU D 276 18.45 -0.49 -2.36
CA LEU D 276 18.57 0.92 -1.98
C LEU D 276 17.47 1.75 -2.60
N ALA D 277 17.08 1.45 -3.85
CA ALA D 277 15.99 2.20 -4.46
C ALA D 277 14.66 1.92 -3.75
N GLU D 278 14.41 0.65 -3.41
CA GLU D 278 13.16 0.33 -2.74
C GLU D 278 13.10 1.00 -1.37
N ALA D 279 14.22 0.98 -0.63
CA ALA D 279 14.30 1.70 0.63
C ALA D 279 14.08 3.18 0.45
N ALA D 280 14.69 3.79 -0.57
CA ALA D 280 14.47 5.21 -0.81
C ALA D 280 12.99 5.50 -1.01
N ALA D 281 12.26 4.63 -1.71
CA ALA D 281 10.82 4.81 -1.84
C ALA D 281 10.13 4.77 -0.47
N GLY D 282 10.55 3.85 0.39
CA GLY D 282 10.05 3.84 1.76
C GLY D 282 10.30 5.16 2.49
N VAL D 283 11.53 5.68 2.40
CA VAL D 283 11.84 6.94 3.06
C VAL D 283 11.05 8.09 2.47
N ASP D 284 10.93 8.16 1.13
CA ASP D 284 10.15 9.24 0.51
C ASP D 284 8.69 9.18 0.94
N ALA D 285 8.14 7.96 1.13
CA ALA D 285 6.77 7.85 1.63
C ALA D 285 6.64 8.47 3.01
N VAL D 286 7.67 8.34 3.85
CA VAL D 286 7.67 9.04 5.13
C VAL D 286 7.71 10.55 4.89
N ALA D 287 8.51 11.01 3.94
CA ALA D 287 8.56 12.45 3.71
C ALA D 287 7.19 12.96 3.31
N HIS D 288 6.50 12.19 2.46
CA HIS D 288 5.17 12.56 1.97
C HIS D 288 4.13 12.43 3.06
N GLY D 289 4.30 11.47 3.97
CA GLY D 289 3.40 11.37 5.10
C GLY D 289 3.44 12.61 5.96
N TRP D 290 4.61 13.24 6.07
CA TRP D 290 4.70 14.48 6.82
C TRP D 290 3.84 15.58 6.22
N THR D 291 3.50 15.50 4.93
CA THR D 291 2.71 16.57 4.31
C THR D 291 1.28 16.53 4.82
N GLY D 292 0.68 15.33 4.86
CA GLY D 292 -0.66 15.22 5.40
C GLY D 292 -0.76 15.73 6.83
N VAL D 293 0.20 15.33 7.68
CA VAL D 293 0.21 15.80 9.06
C VAL D 293 0.42 17.32 9.10
N ARG D 294 1.44 17.82 8.40
CA ARG D 294 1.79 19.23 8.48
C ARG D 294 0.66 20.13 7.98
N MET D 295 0.11 19.78 6.81
CA MET D 295 -0.86 20.70 6.21
C MET D 295 -2.20 20.63 6.94
N THR D 296 -2.57 19.46 7.47
CA THR D 296 -3.79 19.37 8.28
C THR D 296 -3.66 20.22 9.54
N GLY D 297 -2.50 20.16 10.20
CA GLY D 297 -2.28 21.01 11.35
C GLY D 297 -2.26 22.48 11.00
N ALA D 298 -1.67 22.83 9.85
CA ALA D 298 -1.52 24.23 9.46
C ALA D 298 -2.88 24.89 9.23
N HIS D 299 -3.73 24.27 8.41
CA HIS D 299 -5.05 24.84 8.15
C HIS D 299 -5.93 24.86 9.39
N SER D 300 -5.80 23.86 10.27
CA SER D 300 -6.46 23.94 11.56
C SER D 300 -5.98 25.16 12.35
N ARG D 301 -4.67 25.36 12.41
CA ARG D 301 -4.12 26.44 13.23
C ARG D 301 -4.49 27.81 12.66
N VAL D 302 -4.50 27.95 11.34
CA VAL D 302 -4.59 29.28 10.72
C VAL D 302 -6.04 29.65 10.42
N TRP D 303 -6.87 28.68 10.05
CA TRP D 303 -8.24 28.96 9.61
C TRP D 303 -9.27 28.22 10.47
N GLN D 304 -8.84 27.59 11.56
CA GLN D 304 -9.69 26.78 12.43
C GLN D 304 -10.39 25.67 11.69
N ARG D 305 -9.71 25.13 10.67
CA ARG D 305 -10.18 23.93 9.99
C ARG D 305 -9.87 22.71 10.85
N HIS D 306 -10.47 22.69 12.04
CA HIS D 306 -10.25 21.59 12.98
C HIS D 306 -10.90 20.32 12.42
N ARG D 307 -10.08 19.32 12.12
CA ARG D 307 -10.52 18.00 11.66
C ARG D 307 -9.76 16.94 12.46
N PRO D 308 -10.21 16.64 13.69
CA PRO D 308 -9.48 15.64 14.49
C PRO D 308 -9.34 14.28 13.82
N ALA D 309 -10.31 13.83 13.03
CA ALA D 309 -10.20 12.51 12.42
C ALA D 309 -9.19 12.50 11.28
N GLU D 310 -9.10 13.61 10.54
CA GLU D 310 -8.09 13.72 9.50
C GLU D 310 -6.69 13.72 10.09
N LEU D 311 -6.49 14.52 11.15
CA LEU D 311 -5.19 14.59 11.79
C LEU D 311 -4.78 13.23 12.34
N ARG D 312 -5.70 12.56 13.04
CA ARG D 312 -5.40 11.23 13.55
C ARG D 312 -5.09 10.25 12.42
N GLY D 313 -5.83 10.35 11.31
CA GLY D 313 -5.62 9.43 10.20
C GLY D 313 -4.26 9.60 9.54
N HIS D 314 -3.86 10.85 9.31
CA HIS D 314 -2.54 11.14 8.74
C HIS D 314 -1.43 10.71 9.70
N ALA D 315 -1.60 11.01 10.99
CA ALA D 315 -0.63 10.58 11.99
C ALA D 315 -0.42 9.08 11.91
N THR D 316 -1.51 8.33 11.93
CA THR D 316 -1.42 6.87 11.91
C THR D 316 -0.78 6.35 10.63
N ALA D 317 -1.10 6.96 9.48
CA ALA D 317 -0.42 6.56 8.25
C ALA D 317 1.07 6.91 8.30
N LEU D 318 1.43 8.03 8.91
CA LEU D 318 2.85 8.42 9.01
C LEU D 318 3.64 7.36 9.77
N VAL D 319 3.13 6.92 10.93
CA VAL D 319 3.83 5.91 11.72
C VAL D 319 3.89 4.60 10.96
N ARG D 320 2.83 4.27 10.22
CA ARG D 320 2.81 3.03 9.44
C ARG D 320 3.82 3.07 8.30
N ARG D 321 3.91 4.20 7.60
CA ARG D 321 4.95 4.33 6.59
C ARG D 321 6.33 4.20 7.22
N LEU D 322 6.53 4.79 8.39
CA LEU D 322 7.85 4.74 9.02
C LEU D 322 8.25 3.30 9.34
N GLU D 323 7.31 2.52 9.91
CA GLU D 323 7.63 1.14 10.27
C GLU D 323 8.05 0.35 9.04
N ALA D 324 7.43 0.64 7.89
CA ALA D 324 7.74 -0.06 6.66
C ALA D 324 9.08 0.37 6.09
N ALA D 325 9.39 1.66 6.16
CA ALA D 325 10.69 2.13 5.72
C ALA D 325 11.82 1.46 6.49
N LEU D 326 11.69 1.40 7.82
CA LEU D 326 12.76 0.80 8.62
C LEU D 326 13.00 -0.65 8.21
N ASP D 327 11.93 -1.40 7.95
CA ASP D 327 12.04 -2.77 7.46
C ASP D 327 12.82 -2.81 6.14
N LEU D 328 12.45 -1.96 5.18
CA LEU D 328 13.11 -1.91 3.88
C LEU D 328 14.57 -1.45 3.99
N LEU D 329 14.87 -0.58 4.96
CA LEU D 329 16.23 -0.12 5.13
C LEU D 329 17.16 -1.25 5.58
N GLU D 330 16.65 -2.17 6.40
CA GLU D 330 17.50 -3.26 6.86
C GLU D 330 17.83 -4.22 5.72
N LEU D 331 16.84 -4.45 4.84
CA LEU D 331 17.10 -5.22 3.63
C LEU D 331 18.19 -4.57 2.78
N ALA D 332 18.17 -3.25 2.67
CA ALA D 332 19.19 -2.55 1.91
C ALA D 332 20.56 -2.64 2.57
N ALA D 333 20.62 -2.51 3.90
CA ALA D 333 21.93 -2.59 4.56
C ALA D 333 22.56 -3.96 4.37
N ASP D 334 21.74 -5.01 4.47
CA ASP D 334 22.23 -6.35 4.18
C ASP D 334 22.73 -6.45 2.75
N ALA D 335 22.08 -5.77 1.81
CA ALA D 335 22.49 -5.81 0.41
C ALA D 335 23.73 -5.00 0.11
N VAL D 336 24.06 -4.02 0.94
CA VAL D 336 25.23 -3.18 0.68
C VAL D 336 26.48 -3.74 1.34
N SER D 337 26.36 -4.33 2.54
CA SER D 337 27.52 -4.79 3.31
C SER D 337 27.09 -5.88 4.28
N LEU D 338 28.08 -6.59 4.82
CA LEU D 338 27.88 -7.64 5.83
C LEU D 338 28.15 -7.07 7.22
N GLU D 339 27.18 -7.23 8.13
CA GLU D 339 27.31 -6.78 9.52
C GLU D 339 28.22 -7.72 10.32
N HIS D 340 28.84 -7.16 11.37
CA HIS D 340 29.83 -7.87 12.19
C HIS D 340 29.22 -8.32 13.52
N HIS D 341 29.65 -9.50 13.99
CA HIS D 341 29.24 -10.03 15.29
C HIS D 341 30.44 -10.52 16.10
#